data_5FGL
#
_entry.id   5FGL
#
_cell.length_a   149.522
_cell.length_b   149.522
_cell.length_c   156.019
_cell.angle_alpha   90.00
_cell.angle_beta   90.00
_cell.angle_gamma   90.00
#
_symmetry.space_group_name_H-M   'P 43 21 2'
#
loop_
_entity.id
_entity.type
_entity.pdbx_description
1 polymer NicR
2 non-polymer '4-oxidanylidene-4-(6-oxidanylidene-1~{H}-pyridin-3-yl)butanoic acid'
3 water water
#
_entity_poly.entity_id   1
_entity_poly.type   'polypeptide(L)'
_entity_poly.pdbx_seq_one_letter_code
;MELILNEAEKVFAMHGFLGATLKQIAQNSNVTQALITYYYGTKQNLFMEVYRRGLSDIDKKRQNYLDELKSRPEGYNTYD
IVRTYLRPQFEHREAGQAWMHFARLQSRLASEPEEVAVPLRKELYDHTLKAFIHEIMECEGEDDAAAVSWGAVFMVSMIL
YMLRGVDRIGELTDGHLHAESEDDIVERMTIFITGGINSLKQATQDKY
;
_entity_poly.pdbx_strand_id   A,B,C,D,E,F
#
loop_
_chem_comp.id
_chem_comp.type
_chem_comp.name
_chem_comp.formula
6HY non-polymer '4-oxidanylidene-4-(6-oxidanylidene-1~{H}-pyridin-3-yl)butanoic acid' 'C9 H9 N O4'
#
# COMPACT_ATOMS: atom_id res chain seq x y z
N MET A 1 -40.26 -50.10 24.84
CA MET A 1 -40.04 -48.62 24.90
C MET A 1 -38.59 -48.15 24.86
N GLU A 2 -37.79 -48.61 25.83
CA GLU A 2 -36.37 -48.27 25.85
C GLU A 2 -35.71 -48.90 24.62
N LEU A 3 -36.13 -50.10 24.28
CA LEU A 3 -35.57 -50.81 23.14
C LEU A 3 -35.97 -50.16 21.83
N ILE A 4 -37.23 -49.75 21.74
CA ILE A 4 -37.72 -49.09 20.53
C ILE A 4 -37.03 -47.77 20.32
N LEU A 5 -36.90 -47.02 21.41
CA LEU A 5 -36.19 -45.75 21.37
C LEU A 5 -34.77 -45.91 20.87
N ASN A 6 -34.06 -46.92 21.37
CA ASN A 6 -32.67 -47.13 20.96
C ASN A 6 -32.59 -47.41 19.47
N GLU A 7 -33.48 -48.27 18.99
CA GLU A 7 -33.52 -48.55 17.56
C GLU A 7 -33.91 -47.33 16.74
N ALA A 8 -34.88 -46.56 17.25
CA ALA A 8 -35.33 -45.36 16.55
C ALA A 8 -34.19 -44.38 16.44
N GLU A 9 -33.48 -44.22 17.54
CA GLU A 9 -32.27 -43.41 17.62
C GLU A 9 -31.25 -43.79 16.53
N LYS A 10 -30.96 -45.08 16.39
CA LYS A 10 -30.02 -45.54 15.35
C LYS A 10 -30.49 -45.20 13.96
N VAL A 11 -31.76 -45.49 13.68
CA VAL A 11 -32.28 -45.24 12.33
C VAL A 11 -32.30 -43.75 12.02
N PHE A 12 -32.75 -42.93 12.97
CA PHE A 12 -32.73 -41.47 12.75
C PHE A 12 -31.30 -40.98 12.53
N ALA A 13 -30.37 -41.50 13.32
CA ALA A 13 -28.97 -41.10 13.18
C ALA A 13 -28.39 -41.43 11.79
N MET A 14 -28.78 -42.55 11.20
CA MET A 14 -28.31 -42.96 9.89
C MET A 14 -29.00 -42.27 8.73
N HIS A 15 -30.32 -42.07 8.83
CA HIS A 15 -31.12 -41.63 7.69
C HIS A 15 -31.75 -40.27 7.84
N GLY A 16 -31.67 -39.66 9.01
CA GLY A 16 -32.41 -38.44 9.29
C GLY A 16 -33.89 -38.69 9.53
N PHE A 17 -34.60 -37.63 9.86
CA PHE A 17 -36.02 -37.71 10.15
C PHE A 17 -36.82 -38.17 8.95
N LEU A 18 -36.63 -37.51 7.82
CA LEU A 18 -37.39 -37.82 6.61
C LEU A 18 -37.14 -39.22 6.09
N GLY A 19 -35.87 -39.62 6.03
CA GLY A 19 -35.50 -40.91 5.44
C GLY A 19 -35.83 -42.09 6.34
N ALA A 20 -35.95 -41.85 7.63
CA ALA A 20 -36.34 -42.89 8.57
C ALA A 20 -37.79 -43.26 8.37
N THR A 21 -38.07 -44.57 8.47
CA THR A 21 -39.42 -45.09 8.37
C THR A 21 -39.73 -45.86 9.64
N LEU A 22 -40.99 -45.78 10.06
CA LEU A 22 -41.45 -46.62 11.17
C LEU A 22 -41.35 -48.10 10.81
N LYS A 23 -41.48 -48.44 9.53
CA LYS A 23 -41.26 -49.83 9.04
C LYS A 23 -39.94 -50.37 9.53
N GLN A 24 -38.88 -49.67 9.15
CA GLN A 24 -37.52 -50.06 9.47
C GLN A 24 -37.34 -50.18 10.98
N ILE A 25 -37.85 -49.21 11.72
CA ILE A 25 -37.67 -49.19 13.18
C ILE A 25 -38.40 -50.35 13.82
N ALA A 26 -39.59 -50.66 13.30
CA ALA A 26 -40.35 -51.79 13.78
C ALA A 26 -39.60 -53.10 13.50
N GLN A 27 -39.15 -53.27 12.26
CA GLN A 27 -38.34 -54.45 11.89
C GLN A 27 -37.17 -54.63 12.83
N ASN A 28 -36.35 -53.60 12.95
CA ASN A 28 -35.15 -53.67 13.78
C ASN A 28 -35.49 -53.96 15.24
N SER A 29 -36.64 -53.48 15.71
CA SER A 29 -37.07 -53.71 17.10
C SER A 29 -37.84 -55.02 17.31
N ASN A 30 -38.12 -55.74 16.24
CA ASN A 30 -38.92 -56.98 16.30
C ASN A 30 -40.33 -56.76 16.88
N VAL A 31 -40.96 -55.65 16.49
CA VAL A 31 -42.35 -55.37 16.85
C VAL A 31 -43.06 -54.83 15.63
N THR A 32 -44.36 -54.60 15.74
CA THR A 32 -45.15 -54.05 14.63
C THR A 32 -45.10 -52.53 14.66
N GLN A 33 -45.34 -51.93 13.50
CA GLN A 33 -45.57 -50.49 13.41
C GLN A 33 -46.66 -50.02 14.34
N ALA A 34 -47.76 -50.77 14.38
CA ALA A 34 -48.89 -50.41 15.23
C ALA A 34 -48.46 -50.23 16.68
N LEU A 35 -47.58 -51.09 17.18
CA LEU A 35 -47.15 -50.99 18.56
C LEU A 35 -46.33 -49.72 18.78
N ILE A 36 -45.49 -49.37 17.82
CA ILE A 36 -44.70 -48.17 17.94
C ILE A 36 -45.63 -46.96 17.99
N THR A 37 -46.57 -46.93 17.06
CA THR A 37 -47.60 -45.91 17.01
C THR A 37 -48.35 -45.84 18.33
N TYR A 38 -48.72 -46.98 18.87
CA TYR A 38 -49.42 -47.02 20.15
C TYR A 38 -48.66 -46.22 21.23
N TYR A 39 -47.36 -46.43 21.32
CA TYR A 39 -46.57 -45.83 22.40
C TYR A 39 -46.14 -44.41 22.07
N TYR A 40 -45.87 -44.10 20.81
CA TYR A 40 -45.22 -42.84 20.47
C TYR A 40 -45.99 -41.92 19.55
N GLY A 41 -47.12 -42.37 19.03
CA GLY A 41 -47.94 -41.53 18.17
C GLY A 41 -47.37 -41.38 16.78
N THR A 42 -46.70 -40.27 16.51
CA THR A 42 -46.21 -40.01 15.16
C THR A 42 -44.70 -40.19 15.11
N LYS A 43 -44.16 -40.31 13.90
CA LYS A 43 -42.74 -40.36 13.72
C LYS A 43 -42.11 -39.12 14.36
N GLN A 44 -42.74 -37.98 14.20
CA GLN A 44 -42.25 -36.75 14.78
C GLN A 44 -42.17 -36.84 16.29
N ASN A 45 -43.19 -37.39 16.92
CA ASN A 45 -43.15 -37.52 18.36
C ASN A 45 -42.11 -38.54 18.83
N LEU A 46 -41.86 -39.57 18.04
CA LEU A 46 -40.86 -40.57 18.35
C LEU A 46 -39.48 -39.90 18.34
N PHE A 47 -39.27 -39.08 17.33
CA PHE A 47 -38.04 -38.32 17.16
C PHE A 47 -37.82 -37.43 18.38
N MET A 48 -38.88 -36.75 18.80
CA MET A 48 -38.82 -35.89 19.97
C MET A 48 -38.53 -36.66 21.23
N GLU A 49 -39.10 -37.83 21.37
CA GLU A 49 -38.81 -38.67 22.53
C GLU A 49 -37.36 -39.12 22.58
N VAL A 50 -36.77 -39.43 21.43
CA VAL A 50 -35.37 -39.75 21.36
C VAL A 50 -34.54 -38.58 21.86
N TYR A 51 -34.88 -37.37 21.41
CA TYR A 51 -34.18 -36.18 21.88
C TYR A 51 -34.46 -35.86 23.34
N ARG A 52 -35.71 -35.99 23.77
CA ARG A 52 -36.07 -35.78 25.19
C ARG A 52 -35.25 -36.64 26.10
N ARG A 53 -35.12 -37.92 25.75
CA ARG A 53 -34.38 -38.84 26.59
C ARG A 53 -32.91 -38.41 26.63
N GLY A 54 -32.31 -38.18 25.47
CA GLY A 54 -30.90 -37.86 25.38
C GLY A 54 -30.58 -36.57 26.11
N LEU A 55 -31.37 -35.53 25.90
CA LEU A 55 -31.08 -34.20 26.48
C LEU A 55 -31.48 -34.06 27.94
N SER A 56 -32.32 -34.96 28.43
CA SER A 56 -32.75 -34.92 29.81
C SER A 56 -31.56 -35.27 30.69
N ASP A 57 -30.84 -36.33 30.32
CA ASP A 57 -29.65 -36.76 31.07
C ASP A 57 -28.53 -35.73 30.96
N ILE A 58 -28.38 -35.15 29.77
CA ILE A 58 -27.33 -34.18 29.54
C ILE A 58 -27.57 -32.95 30.38
N ASP A 59 -28.81 -32.44 30.38
CA ASP A 59 -29.14 -31.24 31.14
C ASP A 59 -29.10 -31.49 32.63
N LYS A 60 -29.44 -32.69 33.04
CA LYS A 60 -29.36 -33.05 34.45
C LYS A 60 -27.90 -32.97 34.91
N LYS A 61 -26.99 -33.50 34.11
CA LYS A 61 -25.57 -33.41 34.42
C LYS A 61 -25.04 -31.99 34.40
N ARG A 62 -25.51 -31.19 33.44
CA ARG A 62 -25.16 -29.77 33.44
C ARG A 62 -25.56 -29.10 34.74
N GLN A 63 -26.75 -29.41 35.22
CA GLN A 63 -27.28 -28.81 36.42
C GLN A 63 -26.47 -29.24 37.64
N ASN A 64 -26.10 -30.51 37.71
CA ASN A 64 -25.27 -30.98 38.80
C ASN A 64 -23.91 -30.31 38.82
N TYR A 65 -23.28 -30.16 37.64
CA TYR A 65 -21.97 -29.54 37.59
C TYR A 65 -22.05 -28.07 37.96
N LEU A 66 -23.13 -27.41 37.56
CA LEU A 66 -23.35 -26.01 37.89
C LEU A 66 -23.57 -25.83 39.39
N ASP A 67 -24.33 -26.73 40.01
CA ASP A 67 -24.51 -26.73 41.47
C ASP A 67 -23.17 -26.90 42.19
N GLU A 68 -22.33 -27.81 41.70
CA GLU A 68 -20.99 -28.01 42.25
C GLU A 68 -20.22 -26.69 42.23
N LEU A 69 -20.19 -26.05 41.06
CA LEU A 69 -19.55 -24.73 40.91
C LEU A 69 -19.98 -23.75 41.98
N LYS A 70 -21.29 -23.65 42.20
CA LYS A 70 -21.83 -22.67 43.14
C LYS A 70 -21.53 -23.00 44.60
N SER A 71 -21.10 -24.23 44.87
CA SER A 71 -20.70 -24.63 46.23
C SER A 71 -19.21 -24.45 46.50
N ARG A 72 -18.44 -24.07 45.49
CA ARG A 72 -17.01 -23.86 45.67
C ARG A 72 -16.73 -22.64 46.52
N PRO A 73 -15.97 -22.80 47.61
CA PRO A 73 -15.64 -21.62 48.44
C PRO A 73 -14.97 -20.51 47.63
N GLU A 74 -14.09 -20.88 46.71
CA GLU A 74 -13.32 -19.91 45.93
C GLU A 74 -14.03 -19.33 44.71
N GLY A 75 -15.31 -19.66 44.52
CA GLY A 75 -16.09 -19.13 43.40
C GLY A 75 -15.75 -19.79 42.07
N TYR A 76 -16.20 -19.16 40.99
CA TYR A 76 -16.04 -19.71 39.63
C TYR A 76 -16.10 -18.60 38.60
N ASN A 77 -15.82 -18.94 37.36
CA ASN A 77 -15.76 -17.94 36.30
C ASN A 77 -16.34 -18.47 34.98
N THR A 78 -16.26 -17.66 33.93
CA THR A 78 -16.79 -17.99 32.61
C THR A 78 -16.24 -19.32 32.10
N TYR A 79 -14.92 -19.49 32.19
CA TYR A 79 -14.28 -20.72 31.77
C TYR A 79 -15.01 -21.91 32.40
N ASP A 80 -15.27 -21.84 33.70
CA ASP A 80 -15.89 -22.96 34.42
C ASP A 80 -17.31 -23.24 33.93
N ILE A 81 -18.04 -22.19 33.61
CA ILE A 81 -19.42 -22.31 33.16
C ILE A 81 -19.46 -23.01 31.79
N VAL A 82 -18.61 -22.55 30.89
CA VAL A 82 -18.56 -23.09 29.54
C VAL A 82 -18.21 -24.57 29.60
N ARG A 83 -17.17 -24.91 30.37
CA ARG A 83 -16.79 -26.28 30.56
C ARG A 83 -17.96 -27.13 31.05
N THR A 84 -18.65 -26.60 32.05
CA THR A 84 -19.83 -27.22 32.62
C THR A 84 -20.88 -27.52 31.57
N TYR A 85 -21.07 -26.61 30.62
CA TYR A 85 -22.05 -26.79 29.56
C TYR A 85 -21.60 -27.83 28.56
N LEU A 86 -20.31 -27.83 28.25
CA LEU A 86 -19.77 -28.73 27.21
C LEU A 86 -19.57 -30.16 27.66
N ARG A 87 -19.03 -30.35 28.86
CA ARG A 87 -18.64 -31.68 29.30
C ARG A 87 -19.65 -32.81 29.09
N PRO A 88 -20.93 -32.58 29.43
CA PRO A 88 -21.88 -33.71 29.33
C PRO A 88 -22.19 -34.11 27.92
N GLN A 89 -21.88 -33.26 26.93
CA GLN A 89 -22.02 -33.68 25.54
C GLN A 89 -20.90 -34.59 25.07
N PHE A 90 -19.78 -34.56 25.77
CA PHE A 90 -18.60 -35.28 25.29
C PHE A 90 -18.12 -36.41 26.18
N GLU A 91 -18.51 -36.38 27.46
CA GLU A 91 -18.19 -37.47 28.35
C GLU A 91 -19.23 -38.54 28.16
N HIS A 92 -18.79 -39.77 27.91
CA HIS A 92 -19.75 -40.81 27.62
C HIS A 92 -20.42 -41.30 28.91
N GLN A 97 -21.48 -47.08 22.96
CA GLN A 97 -22.47 -47.08 21.88
C GLN A 97 -23.56 -46.04 22.08
N ALA A 98 -24.28 -46.14 23.19
CA ALA A 98 -25.36 -45.20 23.50
C ALA A 98 -24.93 -43.76 23.20
N TRP A 99 -23.71 -43.43 23.61
CA TRP A 99 -23.17 -42.12 23.39
C TRP A 99 -23.10 -41.81 21.90
N MET A 100 -22.47 -42.71 21.14
CA MET A 100 -22.18 -42.44 19.73
C MET A 100 -23.40 -42.08 18.93
N HIS A 101 -24.47 -42.83 19.12
CA HIS A 101 -25.66 -42.68 18.31
C HIS A 101 -26.32 -41.31 18.55
N PHE A 102 -26.44 -40.91 19.81
CA PHE A 102 -27.06 -39.63 20.09
C PHE A 102 -26.16 -38.48 19.65
N ALA A 103 -24.85 -38.69 19.72
CA ALA A 103 -23.93 -37.68 19.28
C ALA A 103 -24.09 -37.46 17.79
N ARG A 104 -24.12 -38.55 17.03
CA ARG A 104 -24.24 -38.47 15.61
C ARG A 104 -25.57 -37.86 15.24
N LEU A 105 -26.62 -38.27 15.95
CA LEU A 105 -27.94 -37.73 15.68
C LEU A 105 -27.98 -36.21 15.85
N GLN A 106 -27.48 -35.70 16.98
CA GLN A 106 -27.42 -34.25 17.14
C GLN A 106 -26.56 -33.60 16.07
N SER A 107 -25.48 -34.24 15.66
CA SER A 107 -24.57 -33.62 14.68
C SER A 107 -25.22 -33.39 13.32
N ARG A 108 -26.31 -34.10 13.04
CA ARG A 108 -27.06 -33.94 11.79
C ARG A 108 -28.21 -32.94 11.89
N LEU A 109 -28.37 -32.31 13.05
CA LEU A 109 -29.60 -31.61 13.35
C LEU A 109 -29.92 -30.54 12.29
N ALA A 110 -28.91 -29.88 11.77
CA ALA A 110 -29.10 -28.82 10.79
C ALA A 110 -29.74 -29.28 9.51
N SER A 111 -29.62 -30.56 9.18
CA SER A 111 -30.23 -31.05 7.95
C SER A 111 -31.68 -31.56 8.17
N GLU A 112 -32.20 -31.47 9.38
CA GLU A 112 -33.58 -31.91 9.63
C GLU A 112 -34.55 -30.80 9.19
N PRO A 113 -35.76 -31.17 8.79
CA PRO A 113 -36.70 -30.10 8.39
C PRO A 113 -37.07 -29.17 9.54
N GLU A 114 -37.26 -27.91 9.22
CA GLU A 114 -37.56 -26.88 10.21
C GLU A 114 -38.84 -27.21 10.97
N GLU A 115 -39.77 -27.91 10.33
CA GLU A 115 -41.02 -28.31 10.98
C GLU A 115 -40.78 -29.15 12.21
N VAL A 116 -39.71 -29.95 12.20
CA VAL A 116 -39.37 -30.68 13.43
C VAL A 116 -38.31 -29.93 14.22
N ALA A 117 -37.36 -29.28 13.56
CA ALA A 117 -36.23 -28.67 14.31
C ALA A 117 -36.64 -27.48 15.14
N VAL A 118 -37.56 -26.65 14.64
CA VAL A 118 -38.03 -25.48 15.40
C VAL A 118 -38.65 -25.83 16.75
N PRO A 119 -39.72 -26.65 16.78
CA PRO A 119 -40.25 -27.00 18.10
C PRO A 119 -39.23 -27.75 18.96
N LEU A 120 -38.41 -28.58 18.35
CA LEU A 120 -37.39 -29.31 19.08
C LEU A 120 -36.46 -28.37 19.87
N ARG A 121 -35.86 -27.39 19.21
CA ARG A 121 -34.93 -26.52 19.91
C ARG A 121 -35.61 -25.61 20.90
N LYS A 122 -36.82 -25.16 20.55
CA LYS A 122 -37.65 -24.42 21.50
C LYS A 122 -37.86 -25.18 22.81
N GLU A 123 -38.26 -26.45 22.71
CA GLU A 123 -38.57 -27.24 23.89
C GLU A 123 -37.29 -27.73 24.62
N LEU A 124 -36.23 -28.08 23.89
CA LEU A 124 -35.13 -28.86 24.48
C LEU A 124 -33.75 -28.19 24.53
N TYR A 125 -33.51 -27.15 23.76
CA TYR A 125 -32.21 -26.47 23.79
C TYR A 125 -32.26 -25.06 24.32
N ASP A 126 -33.32 -24.31 23.99
CA ASP A 126 -33.33 -22.87 24.24
C ASP A 126 -33.26 -22.49 25.71
N HIS A 127 -34.06 -23.14 26.56
CA HIS A 127 -34.13 -22.75 27.96
C HIS A 127 -32.76 -22.87 28.64
N THR A 128 -32.09 -24.00 28.42
CA THR A 128 -30.80 -24.24 29.02
C THR A 128 -29.72 -23.33 28.46
N LEU A 129 -29.79 -23.02 27.17
CA LEU A 129 -28.88 -22.04 26.60
C LEU A 129 -29.07 -20.66 27.17
N LYS A 130 -30.33 -20.24 27.32
CA LYS A 130 -30.58 -18.94 27.94
C LYS A 130 -30.06 -18.93 29.38
N ALA A 131 -30.23 -20.04 30.09
CA ALA A 131 -29.75 -20.12 31.47
C ALA A 131 -28.22 -20.02 31.51
N PHE A 132 -27.56 -20.67 30.55
CA PHE A 132 -26.10 -20.58 30.42
CA PHE A 132 -26.10 -20.57 30.52
C PHE A 132 -25.62 -19.14 30.15
N ILE A 133 -26.32 -18.47 29.24
CA ILE A 133 -26.03 -17.05 28.97
C ILE A 133 -26.18 -16.25 30.25
N HIS A 134 -27.29 -16.48 30.96
CA HIS A 134 -27.58 -15.77 32.19
C HIS A 134 -26.48 -15.98 33.23
N GLU A 135 -26.05 -17.22 33.40
CA GLU A 135 -25.01 -17.54 34.38
C GLU A 135 -23.71 -16.82 34.06
N ILE A 136 -23.36 -16.77 32.79
CA ILE A 136 -22.16 -16.06 32.38
C ILE A 136 -22.29 -14.56 32.64
N MET A 137 -23.46 -14.00 32.43
CA MET A 137 -23.68 -12.57 32.67
C MET A 137 -23.52 -12.22 34.15
N GLU A 138 -23.88 -13.13 35.03
CA GLU A 138 -23.73 -12.91 36.46
C GLU A 138 -22.27 -12.89 36.93
N CYS A 139 -21.33 -13.29 36.08
CA CYS A 139 -19.91 -13.23 36.44
C CYS A 139 -19.34 -11.81 36.36
N GLU A 140 -18.33 -11.56 37.20
CA GLU A 140 -17.56 -10.31 37.19
C GLU A 140 -16.90 -10.07 35.83
N GLY A 141 -16.94 -8.82 35.38
CA GLY A 141 -16.37 -8.44 34.08
C GLY A 141 -17.27 -8.77 32.89
N GLU A 142 -18.40 -9.43 33.15
CA GLU A 142 -19.37 -9.76 32.11
C GLU A 142 -20.62 -8.89 32.23
N ASP A 143 -20.69 -7.86 31.40
CA ASP A 143 -21.88 -7.01 31.25
C ASP A 143 -22.07 -6.59 29.80
N ASP A 144 -21.72 -7.50 28.88
CA ASP A 144 -22.00 -7.36 27.44
C ASP A 144 -22.78 -8.59 26.99
N ALA A 145 -24.10 -8.44 26.87
CA ALA A 145 -24.99 -9.54 26.50
C ALA A 145 -24.78 -10.03 25.07
N ALA A 146 -24.47 -9.11 24.16
CA ALA A 146 -24.25 -9.44 22.76
C ALA A 146 -23.06 -10.38 22.61
N ALA A 147 -21.97 -10.08 23.30
CA ALA A 147 -20.77 -10.87 23.24
C ALA A 147 -21.04 -12.29 23.72
N VAL A 148 -21.77 -12.42 24.81
CA VAL A 148 -22.03 -13.73 25.40
C VAL A 148 -23.04 -14.47 24.54
N SER A 149 -24.02 -13.75 24.03
CA SER A 149 -25.09 -14.40 23.26
C SER A 149 -24.56 -14.89 21.90
N TRP A 150 -23.76 -14.08 21.23
CA TRP A 150 -23.06 -14.53 20.02
C TRP A 150 -22.12 -15.69 20.33
N GLY A 151 -21.41 -15.59 21.45
CA GLY A 151 -20.55 -16.66 21.91
C GLY A 151 -21.32 -17.95 22.03
N ALA A 152 -22.54 -17.87 22.57
CA ALA A 152 -23.36 -19.06 22.76
C ALA A 152 -23.75 -19.68 21.43
N VAL A 153 -24.09 -18.86 20.45
CA VAL A 153 -24.42 -19.33 19.12
C VAL A 153 -23.22 -20.04 18.50
N PHE A 154 -22.05 -19.41 18.59
CA PHE A 154 -20.86 -20.04 18.03
C PHE A 154 -20.48 -21.29 18.79
N MET A 155 -20.68 -21.29 20.10
CA MET A 155 -20.47 -22.52 20.88
C MET A 155 -21.33 -23.66 20.31
N VAL A 156 -22.58 -23.38 20.01
CA VAL A 156 -23.46 -24.42 19.50
C VAL A 156 -22.92 -24.97 18.19
N SER A 157 -22.46 -24.08 17.30
CA SER A 157 -21.91 -24.51 16.03
C SER A 157 -20.73 -25.47 16.24
N MET A 158 -19.92 -25.19 17.25
CA MET A 158 -18.76 -26.02 17.59
C MET A 158 -19.18 -27.37 18.15
N ILE A 159 -20.16 -27.36 19.04
CA ILE A 159 -20.69 -28.59 19.61
C ILE A 159 -21.21 -29.51 18.50
N LEU A 160 -22.07 -28.98 17.64
CA LEU A 160 -22.65 -29.84 16.61
C LEU A 160 -21.58 -30.44 15.71
N TYR A 161 -20.58 -29.65 15.36
CA TYR A 161 -19.55 -30.11 14.47
C TYR A 161 -18.70 -31.18 15.18
N MET A 162 -18.29 -30.93 16.42
CA MET A 162 -17.40 -31.85 17.10
C MET A 162 -18.13 -33.13 17.46
N LEU A 163 -19.44 -33.07 17.56
CA LEU A 163 -20.24 -34.25 17.82
C LEU A 163 -20.23 -35.22 16.64
N ARG A 164 -19.68 -34.82 15.49
CA ARG A 164 -19.54 -35.76 14.39
C ARG A 164 -18.52 -36.86 14.68
N GLY A 165 -17.57 -36.58 15.57
CA GLY A 165 -16.52 -37.56 15.88
C GLY A 165 -15.54 -37.76 14.74
N VAL A 166 -15.36 -36.74 13.90
CA VAL A 166 -14.41 -36.78 12.80
C VAL A 166 -13.09 -36.15 13.25
N ASP A 167 -11.99 -36.81 12.92
CA ASP A 167 -10.66 -36.31 13.27
C ASP A 167 -10.20 -35.25 12.28
N ARG A 168 -10.85 -34.09 12.30
CA ARG A 168 -10.60 -33.08 11.29
C ARG A 168 -9.20 -32.51 11.45
N ILE A 169 -8.80 -32.28 12.69
CA ILE A 169 -7.47 -31.79 12.98
C ILE A 169 -6.39 -32.73 12.41
N GLY A 170 -6.59 -34.03 12.56
CA GLY A 170 -5.69 -35.01 11.96
C GLY A 170 -5.65 -34.95 10.44
N GLU A 171 -6.82 -34.72 9.83
CA GLU A 171 -6.93 -34.63 8.39
C GLU A 171 -6.19 -33.43 7.83
N LEU A 172 -6.23 -32.34 8.58
CA LEU A 172 -5.63 -31.09 8.13
C LEU A 172 -4.15 -30.97 8.47
N THR A 173 -3.62 -31.82 9.34
CA THR A 173 -2.22 -31.71 9.77
C THR A 173 -1.40 -32.93 9.40
N ASP A 174 -1.86 -33.67 8.39
CA ASP A 174 -1.19 -34.91 7.96
C ASP A 174 -0.93 -35.87 9.11
N GLY A 175 -1.88 -35.95 10.03
CA GLY A 175 -1.77 -36.86 11.16
C GLY A 175 -0.85 -36.41 12.28
N HIS A 176 -0.30 -35.20 12.19
CA HIS A 176 0.64 -34.73 13.20
C HIS A 176 -0.03 -34.28 14.48
N LEU A 177 -1.26 -33.79 14.38
CA LEU A 177 -2.02 -33.39 15.57
C LEU A 177 -3.32 -34.15 15.65
N HIS A 178 -3.68 -34.56 16.86
CA HIS A 178 -4.96 -35.17 17.13
C HIS A 178 -5.48 -34.70 18.46
N ALA A 179 -6.80 -34.77 18.61
CA ALA A 179 -7.42 -34.75 19.92
C ALA A 179 -6.86 -35.90 20.74
N GLU A 180 -6.39 -35.57 21.93
CA GLU A 180 -5.86 -36.58 22.84
C GLU A 180 -7.00 -37.44 23.42
N SER A 181 -8.13 -36.81 23.66
CA SER A 181 -9.21 -37.37 24.43
C SER A 181 -10.40 -36.45 24.36
N GLU A 182 -11.54 -36.93 24.85
CA GLU A 182 -12.73 -36.10 24.90
C GLU A 182 -12.46 -34.88 25.78
N ASP A 183 -11.72 -35.05 26.87
CA ASP A 183 -11.43 -33.90 27.72
C ASP A 183 -10.56 -32.84 27.03
N ASP A 184 -9.61 -33.27 26.21
CA ASP A 184 -8.78 -32.35 25.46
C ASP A 184 -9.67 -31.53 24.51
N ILE A 185 -10.62 -32.20 23.86
CA ILE A 185 -11.56 -31.50 22.99
C ILE A 185 -12.37 -30.48 23.80
N VAL A 186 -12.90 -30.90 24.93
CA VAL A 186 -13.69 -30.01 25.77
C VAL A 186 -12.86 -28.79 26.24
N GLU A 187 -11.63 -29.08 26.67
CA GLU A 187 -10.69 -28.05 27.08
C GLU A 187 -10.47 -27.02 25.98
N ARG A 188 -10.18 -27.49 24.78
CA ARG A 188 -9.83 -26.60 23.68
C ARG A 188 -11.03 -25.76 23.25
N MET A 189 -12.21 -26.37 23.23
CA MET A 189 -13.43 -25.64 22.93
C MET A 189 -13.66 -24.56 23.99
N THR A 190 -13.48 -24.94 25.26
CA THR A 190 -13.73 -24.04 26.36
C THR A 190 -12.84 -22.81 26.26
N ILE A 191 -11.55 -23.03 26.05
CA ILE A 191 -10.60 -21.93 25.96
C ILE A 191 -10.93 -21.05 24.78
N PHE A 192 -11.23 -21.68 23.66
CA PHE A 192 -11.52 -20.95 22.43
C PHE A 192 -12.75 -20.04 22.60
N ILE A 193 -13.81 -20.60 23.19
CA ILE A 193 -15.07 -19.89 23.37
C ILE A 193 -14.92 -18.74 24.36
N THR A 194 -14.24 -19.02 25.47
CA THR A 194 -13.98 -18.02 26.50
C THR A 194 -13.21 -16.83 25.94
N GLY A 195 -12.16 -17.11 25.18
CA GLY A 195 -11.38 -16.05 24.53
C GLY A 195 -12.16 -15.31 23.46
N GLY A 196 -12.93 -16.03 22.67
CA GLY A 196 -13.77 -15.40 21.67
C GLY A 196 -14.80 -14.45 22.26
N ILE A 197 -15.46 -14.88 23.34
CA ILE A 197 -16.38 -14.01 24.06
C ILE A 197 -15.67 -12.76 24.54
N ASN A 198 -14.48 -12.93 25.09
CA ASN A 198 -13.70 -11.77 25.52
C ASN A 198 -13.42 -10.81 24.40
N SER A 199 -13.07 -11.33 23.22
CA SER A 199 -12.74 -10.48 22.10
C SER A 199 -13.94 -9.76 21.57
N LEU A 200 -15.11 -10.39 21.61
CA LEU A 200 -16.32 -9.71 21.18
C LEU A 200 -16.63 -8.56 22.13
N LYS A 201 -16.45 -8.81 23.41
CA LYS A 201 -16.66 -7.80 24.44
C LYS A 201 -15.67 -6.65 24.23
N GLN A 202 -14.39 -6.99 24.19
CA GLN A 202 -13.29 -6.03 24.01
C GLN A 202 -13.46 -5.15 22.75
N ALA A 203 -14.00 -5.73 21.67
CA ALA A 203 -14.17 -5.03 20.40
C ALA A 203 -15.34 -4.02 20.42
N THR A 204 -16.37 -4.29 21.21
CA THR A 204 -17.47 -3.32 21.40
C THR A 204 -17.13 -2.30 22.50
N MET B 1 -23.66 -26.78 -20.28
CA MET B 1 -22.69 -26.09 -19.41
C MET B 1 -23.19 -25.91 -17.95
N GLU B 2 -24.47 -25.58 -17.69
CA GLU B 2 -24.98 -25.08 -16.36
C GLU B 2 -26.39 -25.47 -15.86
N LEU B 3 -27.33 -25.82 -16.73
CA LEU B 3 -28.74 -25.96 -16.33
C LEU B 3 -28.95 -27.20 -15.45
N ILE B 4 -28.32 -28.30 -15.83
CA ILE B 4 -28.45 -29.55 -15.10
C ILE B 4 -27.84 -29.38 -13.72
N LEU B 5 -26.67 -28.76 -13.69
CA LEU B 5 -25.99 -28.47 -12.43
C LEU B 5 -26.84 -27.65 -11.49
N ASN B 6 -27.50 -26.62 -12.00
CA ASN B 6 -28.34 -25.78 -11.15
C ASN B 6 -29.47 -26.60 -10.56
N GLU B 7 -30.12 -27.41 -11.38
CA GLU B 7 -31.19 -28.26 -10.91
C GLU B 7 -30.70 -29.28 -9.93
N ALA B 8 -29.54 -29.86 -10.22
CA ALA B 8 -28.97 -30.87 -9.32
C ALA B 8 -28.67 -30.24 -7.97
N GLU B 9 -28.09 -29.04 -8.00
CA GLU B 9 -27.82 -28.23 -6.81
C GLU B 9 -29.07 -28.06 -5.95
N LYS B 10 -30.18 -27.68 -6.57
CA LYS B 10 -31.42 -27.47 -5.83
C LYS B 10 -31.90 -28.77 -5.18
N VAL B 11 -31.93 -29.85 -5.95
CA VAL B 11 -32.41 -31.12 -5.43
C VAL B 11 -31.50 -31.63 -4.31
N PHE B 12 -30.17 -31.57 -4.49
CA PHE B 12 -29.26 -31.96 -3.41
C PHE B 12 -29.46 -31.09 -2.16
N ALA B 13 -29.64 -29.79 -2.36
CA ALA B 13 -29.86 -28.89 -1.21
C ALA B 13 -31.10 -29.26 -0.42
N MET B 14 -32.16 -29.68 -1.12
CA MET B 14 -33.43 -30.03 -0.47
C MET B 14 -33.44 -31.41 0.16
N HIS B 15 -32.83 -32.38 -0.51
CA HIS B 15 -32.99 -33.78 -0.10
C HIS B 15 -31.70 -34.45 0.39
N GLY B 16 -30.58 -33.79 0.27
CA GLY B 16 -29.30 -34.44 0.50
C GLY B 16 -28.88 -35.38 -0.61
N PHE B 17 -27.68 -35.93 -0.50
CA PHE B 17 -27.12 -36.80 -1.52
C PHE B 17 -27.94 -38.07 -1.68
N LEU B 18 -28.23 -38.76 -0.57
CA LEU B 18 -28.97 -40.01 -0.61
C LEU B 18 -30.38 -39.86 -1.13
N GLY B 19 -31.10 -38.86 -0.64
CA GLY B 19 -32.51 -38.65 -1.00
C GLY B 19 -32.71 -38.13 -2.41
N ALA B 20 -31.71 -37.47 -2.96
CA ALA B 20 -31.76 -36.98 -4.33
C ALA B 20 -31.73 -38.16 -5.29
N THR B 21 -32.52 -38.07 -6.35
CA THR B 21 -32.50 -39.05 -7.41
C THR B 21 -32.16 -38.37 -8.72
N LEU B 22 -31.47 -39.08 -9.59
CA LEU B 22 -31.26 -38.61 -10.95
C LEU B 22 -32.57 -38.47 -11.72
N LYS B 23 -33.58 -39.31 -11.39
CA LYS B 23 -34.93 -39.18 -11.95
C LYS B 23 -35.43 -37.75 -11.81
N GLN B 24 -35.50 -37.30 -10.56
CA GLN B 24 -36.03 -36.00 -10.22
C GLN B 24 -35.24 -34.92 -10.95
N ILE B 25 -33.91 -35.03 -10.95
CA ILE B 25 -33.07 -34.01 -11.54
C ILE B 25 -33.26 -33.96 -13.05
N ALA B 26 -33.43 -35.12 -13.67
CA ALA B 26 -33.73 -35.21 -15.10
C ALA B 26 -35.08 -34.59 -15.44
N GLN B 27 -36.13 -34.97 -14.71
CA GLN B 27 -37.44 -34.36 -14.84
C GLN B 27 -37.35 -32.83 -14.76
N ASN B 28 -36.80 -32.33 -13.67
CA ASN B 28 -36.72 -30.89 -13.45
C ASN B 28 -35.93 -30.20 -14.56
N SER B 29 -34.92 -30.88 -15.11
CA SER B 29 -34.09 -30.31 -16.17
C SER B 29 -34.65 -30.52 -17.58
N ASN B 30 -35.74 -31.26 -17.70
CA ASN B 30 -36.35 -31.60 -19.00
C ASN B 30 -35.40 -32.39 -19.93
N VAL B 31 -34.63 -33.30 -19.35
CA VAL B 31 -33.77 -34.20 -20.12
C VAL B 31 -33.93 -35.59 -19.54
N THR B 32 -33.29 -36.57 -20.16
CA THR B 32 -33.33 -37.94 -19.68
C THR B 32 -32.25 -38.20 -18.67
N GLN B 33 -32.45 -39.20 -17.83
CA GLN B 33 -31.40 -39.68 -16.94
C GLN B 33 -30.13 -40.06 -17.71
N ALA B 34 -30.31 -40.74 -18.84
CA ALA B 34 -29.20 -41.17 -19.66
C ALA B 34 -28.29 -40.02 -20.06
N LEU B 35 -28.88 -38.87 -20.38
CA LEU B 35 -28.08 -37.70 -20.72
C LEU B 35 -27.28 -37.18 -19.54
N ILE B 36 -27.90 -37.16 -18.37
CA ILE B 36 -27.19 -36.68 -17.17
C ILE B 36 -26.01 -37.61 -16.90
N THR B 37 -26.27 -38.90 -16.93
CA THR B 37 -25.24 -39.93 -16.80
C THR B 37 -24.14 -39.75 -17.84
N TYR B 38 -24.51 -39.50 -19.08
CA TYR B 38 -23.53 -39.27 -20.11
C TYR B 38 -22.53 -38.19 -19.72
N TYR B 39 -23.02 -37.07 -19.19
CA TYR B 39 -22.15 -35.95 -18.87
C TYR B 39 -21.45 -36.07 -17.56
N TYR B 40 -22.11 -36.65 -16.57
CA TYR B 40 -21.61 -36.55 -15.20
C TYR B 40 -21.27 -37.87 -14.57
N GLY B 41 -21.56 -38.98 -15.24
CA GLY B 41 -21.24 -40.29 -14.71
C GLY B 41 -22.19 -40.72 -13.59
N THR B 42 -21.80 -40.56 -12.36
CA THR B 42 -22.59 -41.07 -11.26
C THR B 42 -23.22 -39.90 -10.53
N LYS B 43 -24.20 -40.21 -9.70
CA LYS B 43 -24.77 -39.22 -8.83
C LYS B 43 -23.68 -38.57 -7.98
N GLN B 44 -22.75 -39.40 -7.50
CA GLN B 44 -21.65 -38.91 -6.69
C GLN B 44 -20.80 -37.91 -7.46
N ASN B 45 -20.49 -38.19 -8.71
CA ASN B 45 -19.72 -37.23 -9.49
C ASN B 45 -20.51 -35.94 -9.79
N LEU B 46 -21.83 -36.05 -9.93
CA LEU B 46 -22.66 -34.88 -10.19
C LEU B 46 -22.59 -33.98 -8.97
N PHE B 47 -22.69 -34.59 -7.79
CA PHE B 47 -22.63 -33.91 -6.52
C PHE B 47 -21.28 -33.18 -6.37
N MET B 48 -20.21 -33.86 -6.74
CA MET B 48 -18.88 -33.26 -6.75
C MET B 48 -18.78 -32.09 -7.72
N GLU B 49 -19.39 -32.21 -8.89
CA GLU B 49 -19.37 -31.10 -9.86
C GLU B 49 -20.10 -29.89 -9.33
N VAL B 50 -21.21 -30.09 -8.62
CA VAL B 50 -21.92 -28.99 -8.00
C VAL B 50 -21.00 -28.28 -6.99
N TYR B 51 -20.30 -29.05 -6.16
CA TYR B 51 -19.36 -28.47 -5.21
C TYR B 51 -18.12 -27.84 -5.87
N ARG B 52 -17.59 -28.49 -6.91
CA ARG B 52 -16.48 -27.92 -7.68
C ARG B 52 -16.80 -26.55 -8.22
N ARG B 53 -17.99 -26.40 -8.78
CA ARG B 53 -18.36 -25.13 -9.34
C ARG B 53 -18.50 -24.07 -8.23
N GLY B 54 -19.21 -24.40 -7.16
CA GLY B 54 -19.44 -23.45 -6.09
C GLY B 54 -18.16 -23.00 -5.38
N LEU B 55 -17.29 -23.93 -5.06
CA LEU B 55 -16.07 -23.64 -4.31
C LEU B 55 -14.96 -23.05 -5.16
N SER B 56 -15.05 -23.19 -6.47
CA SER B 56 -14.05 -22.64 -7.36
C SER B 56 -14.12 -21.11 -7.31
N ASP B 57 -15.34 -20.57 -7.39
CA ASP B 57 -15.53 -19.12 -7.31
C ASP B 57 -15.17 -18.59 -5.91
N ILE B 58 -15.54 -19.34 -4.90
CA ILE B 58 -15.29 -18.93 -3.52
C ILE B 58 -13.79 -18.85 -3.27
N ASP B 59 -13.06 -19.88 -3.69
CA ASP B 59 -11.62 -19.92 -3.48
C ASP B 59 -10.87 -18.90 -4.35
N LYS B 60 -11.40 -18.62 -5.53
CA LYS B 60 -10.84 -17.58 -6.37
C LYS B 60 -10.93 -16.23 -5.66
N LYS B 61 -12.09 -15.95 -5.06
CA LYS B 61 -12.25 -14.72 -4.31
C LYS B 61 -11.35 -14.65 -3.06
N ARG B 62 -11.21 -15.76 -2.36
CA ARG B 62 -10.30 -15.82 -1.22
C ARG B 62 -8.88 -15.47 -1.64
N GLN B 63 -8.47 -15.98 -2.79
CA GLN B 63 -7.14 -15.71 -3.31
C GLN B 63 -6.97 -14.25 -3.67
N ASN B 64 -7.98 -13.65 -4.30
CA ASN B 64 -7.91 -12.22 -4.63
C ASN B 64 -7.81 -11.37 -3.39
N TYR B 65 -8.58 -11.70 -2.36
CA TYR B 65 -8.56 -10.91 -1.14
C TYR B 65 -7.26 -11.04 -0.36
N LEU B 66 -6.69 -12.24 -0.41
CA LEU B 66 -5.39 -12.48 0.18
C LEU B 66 -4.28 -11.72 -0.57
N ASP B 67 -4.35 -11.69 -1.90
CA ASP B 67 -3.41 -10.88 -2.69
C ASP B 67 -3.51 -9.40 -2.30
N GLU B 68 -4.74 -8.90 -2.15
CA GLU B 68 -4.97 -7.50 -1.76
C GLU B 68 -4.26 -7.22 -0.43
N LEU B 69 -4.48 -8.09 0.55
CA LEU B 69 -3.79 -8.02 1.83
C LEU B 69 -2.27 -7.86 1.71
N LYS B 70 -1.67 -8.70 0.88
CA LYS B 70 -0.23 -8.70 0.72
C LYS B 70 0.31 -7.46 0.00
N SER B 71 -0.57 -6.69 -0.65
CA SER B 71 -0.18 -5.44 -1.30
C SER B 71 -0.38 -4.20 -0.41
N ARG B 72 -0.94 -4.38 0.79
CA ARG B 72 -1.14 -3.24 1.69
C ARG B 72 0.18 -2.73 2.27
N PRO B 73 0.44 -1.42 2.14
CA PRO B 73 1.71 -0.93 2.63
C PRO B 73 1.88 -1.20 4.11
N GLU B 74 0.81 -1.04 4.89
CA GLU B 74 0.94 -1.16 6.38
C GLU B 74 0.72 -2.61 6.87
N GLY B 75 0.76 -3.59 5.97
CA GLY B 75 0.75 -5.00 6.37
C GLY B 75 -0.62 -5.48 6.80
N TYR B 76 -0.64 -6.65 7.41
CA TYR B 76 -1.86 -7.32 7.78
C TYR B 76 -1.62 -8.27 8.91
N ASN B 77 -2.70 -8.80 9.46
CA ASN B 77 -2.60 -9.66 10.61
C ASN B 77 -3.64 -10.80 10.57
N THR B 78 -3.70 -11.58 11.63
CA THR B 78 -4.58 -12.74 11.72
C THR B 78 -6.03 -12.38 11.45
N TYR B 79 -6.49 -11.32 12.09
CA TYR B 79 -7.84 -10.82 11.88
C TYR B 79 -8.12 -10.70 10.39
N ASP B 80 -7.22 -10.07 9.66
CA ASP B 80 -7.43 -9.84 8.24
C ASP B 80 -7.52 -11.13 7.45
N ILE B 81 -6.72 -12.11 7.83
CA ILE B 81 -6.67 -13.39 7.11
C ILE B 81 -7.99 -14.11 7.30
N VAL B 82 -8.45 -14.17 8.54
CA VAL B 82 -9.70 -14.84 8.87
C VAL B 82 -10.86 -14.20 8.10
N ARG B 83 -10.95 -12.88 8.14
CA ARG B 83 -11.96 -12.16 7.39
C ARG B 83 -11.94 -12.54 5.93
N THR B 84 -10.74 -12.56 5.38
CA THR B 84 -10.53 -12.93 4.00
C THR B 84 -11.10 -14.30 3.68
N TYR B 85 -10.93 -15.24 4.59
CA TYR B 85 -11.40 -16.58 4.38
C TYR B 85 -12.93 -16.65 4.47
N LEU B 86 -13.50 -15.88 5.39
CA LEU B 86 -14.93 -15.90 5.64
C LEU B 86 -15.79 -15.14 4.61
N ARG B 87 -15.35 -13.97 4.22
CA ARG B 87 -16.12 -13.09 3.36
C ARG B 87 -16.83 -13.75 2.17
N PRO B 88 -16.10 -14.55 1.39
CA PRO B 88 -16.70 -15.05 0.16
C PRO B 88 -17.80 -16.05 0.43
N GLN B 89 -17.85 -16.62 1.62
CA GLN B 89 -18.96 -17.51 1.96
C GLN B 89 -20.23 -16.76 2.34
N PHE B 90 -20.11 -15.48 2.72
CA PHE B 90 -21.27 -14.70 3.17
C PHE B 90 -21.66 -13.49 2.36
N GLU B 91 -20.77 -12.96 1.53
CA GLU B 91 -21.13 -11.85 0.64
C GLU B 91 -21.84 -12.30 -0.64
N HIS B 92 -22.98 -11.68 -0.93
CA HIS B 92 -23.69 -11.84 -2.21
C HIS B 92 -24.40 -10.51 -2.46
N ARG B 93 -24.89 -10.31 -3.67
CA ARG B 93 -25.91 -9.24 -3.94
C ARG B 93 -27.23 -9.71 -3.33
N GLU B 94 -27.92 -8.80 -2.64
CA GLU B 94 -28.94 -9.22 -1.64
C GLU B 94 -30.07 -10.12 -2.17
N ALA B 95 -30.40 -10.05 -3.47
CA ALA B 95 -31.34 -11.02 -4.07
C ALA B 95 -30.77 -12.47 -3.97
N GLY B 96 -29.81 -12.80 -4.84
CA GLY B 96 -28.87 -13.89 -4.58
C GLY B 96 -29.37 -15.32 -4.48
N GLN B 97 -29.90 -15.86 -5.58
CA GLN B 97 -30.54 -17.20 -5.54
C GLN B 97 -29.41 -18.19 -5.57
N ALA B 98 -28.54 -18.02 -6.56
CA ALA B 98 -27.35 -18.85 -6.69
C ALA B 98 -26.64 -19.02 -5.36
N TRP B 99 -26.49 -17.91 -4.64
CA TRP B 99 -25.86 -17.90 -3.33
C TRP B 99 -26.62 -18.83 -2.38
N MET B 100 -27.93 -18.64 -2.26
CA MET B 100 -28.74 -19.33 -1.26
C MET B 100 -28.61 -20.83 -1.36
N HIS B 101 -28.72 -21.35 -2.57
CA HIS B 101 -28.78 -22.80 -2.78
C HIS B 101 -27.46 -23.44 -2.35
N PHE B 102 -26.35 -22.83 -2.71
CA PHE B 102 -25.07 -23.40 -2.40
C PHE B 102 -24.75 -23.22 -0.93
N ALA B 103 -25.24 -22.14 -0.33
CA ALA B 103 -25.10 -21.93 1.11
C ALA B 103 -25.84 -23.03 1.88
N ARG B 104 -27.07 -23.28 1.48
CA ARG B 104 -27.87 -24.29 2.14
C ARG B 104 -27.27 -25.65 1.92
N LEU B 105 -26.82 -25.92 0.70
CA LEU B 105 -26.20 -27.20 0.43
C LEU B 105 -25.00 -27.43 1.36
N GLN B 106 -24.11 -26.45 1.47
CA GLN B 106 -22.93 -26.63 2.35
C GLN B 106 -23.34 -26.79 3.80
N SER B 107 -24.38 -26.08 4.21
CA SER B 107 -24.84 -26.17 5.60
C SER B 107 -25.32 -27.54 5.99
N ARG B 108 -25.69 -28.36 5.01
CA ARG B 108 -26.10 -29.74 5.27
C ARG B 108 -24.95 -30.76 5.20
N LEU B 109 -23.74 -30.31 4.94
CA LEU B 109 -22.67 -31.20 4.57
C LEU B 109 -22.44 -32.29 5.61
N ALA B 110 -22.60 -31.98 6.88
CA ALA B 110 -22.36 -32.94 7.94
C ALA B 110 -23.29 -34.12 7.92
N SER B 111 -24.45 -33.98 7.30
CA SER B 111 -25.37 -35.10 7.22
C SER B 111 -25.16 -35.97 5.98
N GLU B 112 -24.19 -35.64 5.14
CA GLU B 112 -23.94 -36.44 3.94
C GLU B 112 -23.11 -37.66 4.33
N PRO B 113 -23.28 -38.77 3.62
CA PRO B 113 -22.46 -39.93 3.96
C PRO B 113 -20.95 -39.68 3.78
N GLU B 114 -20.16 -40.27 4.67
CA GLU B 114 -18.71 -40.13 4.65
C GLU B 114 -18.10 -40.60 3.32
N GLU B 115 -18.73 -41.56 2.67
CA GLU B 115 -18.26 -42.04 1.37
C GLU B 115 -18.19 -40.92 0.34
N VAL B 116 -19.10 -39.94 0.42
CA VAL B 116 -18.99 -38.78 -0.48
C VAL B 116 -18.28 -37.63 0.20
N ALA B 117 -18.50 -37.44 1.51
CA ALA B 117 -17.92 -36.28 2.18
C ALA B 117 -16.39 -36.32 2.28
N VAL B 118 -15.81 -37.50 2.51
CA VAL B 118 -14.36 -37.64 2.64
C VAL B 118 -13.63 -37.18 1.37
N PRO B 119 -13.92 -37.78 0.21
CA PRO B 119 -13.21 -37.32 -0.99
C PRO B 119 -13.53 -35.87 -1.34
N LEU B 120 -14.75 -35.45 -1.07
CA LEU B 120 -15.12 -34.07 -1.27
C LEU B 120 -14.21 -33.07 -0.51
N ARG B 121 -14.09 -33.23 0.79
CA ARG B 121 -13.30 -32.28 1.55
C ARG B 121 -11.81 -32.42 1.23
N LYS B 122 -11.35 -33.63 0.98
CA LYS B 122 -9.96 -33.86 0.51
C LYS B 122 -9.64 -33.05 -0.75
N GLU B 123 -10.52 -33.10 -1.73
CA GLU B 123 -10.28 -32.41 -2.98
C GLU B 123 -10.58 -30.90 -2.92
N LEU B 124 -11.62 -30.49 -2.18
CA LEU B 124 -12.14 -29.12 -2.31
C LEU B 124 -12.01 -28.19 -1.11
N TYR B 125 -11.78 -28.73 0.08
CA TYR B 125 -11.67 -27.88 1.26
C TYR B 125 -10.28 -27.89 1.87
N ASP B 126 -9.62 -29.05 1.89
CA ASP B 126 -8.40 -29.22 2.67
C ASP B 126 -7.23 -28.33 2.24
N HIS B 127 -6.98 -28.27 0.95
CA HIS B 127 -5.85 -27.51 0.47
C HIS B 127 -5.94 -26.04 0.91
N THR B 128 -7.10 -25.44 0.73
CA THR B 128 -7.27 -24.04 1.03
C THR B 128 -7.25 -23.78 2.53
N LEU B 129 -7.80 -24.71 3.30
CA LEU B 129 -7.69 -24.61 4.73
C LEU B 129 -6.26 -24.71 5.22
N LYS B 130 -5.49 -25.63 4.65
CA LYS B 130 -4.07 -25.73 5.02
C LYS B 130 -3.33 -24.45 4.64
N ALA B 131 -3.70 -23.86 3.49
CA ALA B 131 -3.06 -22.62 3.06
C ALA B 131 -3.38 -21.48 4.05
N PHE B 132 -4.62 -21.47 4.52
CA PHE B 132 -5.06 -20.48 5.49
C PHE B 132 -4.32 -20.62 6.82
N ILE B 133 -4.17 -21.86 7.27
CA ILE B 133 -3.39 -22.11 8.45
C ILE B 133 -1.97 -21.60 8.24
N HIS B 134 -1.39 -21.93 7.09
CA HIS B 134 -0.02 -21.52 6.76
C HIS B 134 0.15 -20.00 6.77
N GLU B 135 -0.80 -19.30 6.17
CA GLU B 135 -0.75 -17.84 6.14
C GLU B 135 -0.79 -17.22 7.54
N ILE B 136 -1.63 -17.78 8.41
CA ILE B 136 -1.70 -17.31 9.78
C ILE B 136 -0.40 -17.58 10.51
N MET B 137 0.24 -18.73 10.26
CA MET B 137 1.49 -19.06 10.92
C MET B 137 2.62 -18.10 10.52
N GLU B 138 2.58 -17.60 9.29
CA GLU B 138 3.57 -16.62 8.83
C GLU B 138 3.43 -15.25 9.50
N CYS B 139 2.34 -15.00 10.20
CA CYS B 139 2.20 -13.74 10.95
C CYS B 139 3.06 -13.68 12.21
N GLU B 140 3.45 -12.46 12.57
CA GLU B 140 4.14 -12.17 13.84
C GLU B 140 3.31 -12.60 15.05
N GLY B 141 3.98 -13.19 16.03
CA GLY B 141 3.31 -13.67 17.23
C GLY B 141 2.60 -15.00 17.06
N GLU B 142 2.58 -15.54 15.84
CA GLU B 142 1.97 -16.83 15.56
C GLU B 142 3.05 -17.88 15.30
N ASP B 143 3.33 -18.68 16.33
CA ASP B 143 4.21 -19.85 16.22
C ASP B 143 3.70 -21.02 17.09
N ASP B 144 2.36 -21.12 17.18
CA ASP B 144 1.67 -22.26 17.79
C ASP B 144 0.70 -22.86 16.76
N ALA B 145 1.12 -23.95 16.12
CA ALA B 145 0.35 -24.59 15.06
C ALA B 145 -0.95 -25.20 15.56
N ALA B 146 -0.91 -25.76 16.77
CA ALA B 146 -2.07 -26.40 17.38
C ALA B 146 -3.20 -25.39 17.55
N ALA B 147 -2.86 -24.21 18.04
CA ALA B 147 -3.84 -23.18 18.31
C ALA B 147 -4.51 -22.76 17.03
N VAL B 148 -3.72 -22.58 15.98
CA VAL B 148 -4.26 -22.12 14.70
C VAL B 148 -5.02 -23.24 14.00
N SER B 149 -4.52 -24.46 14.12
CA SER B 149 -5.17 -25.58 13.47
C SER B 149 -6.52 -25.92 14.13
N TRP B 150 -6.56 -25.92 15.46
CA TRP B 150 -7.84 -26.06 16.17
C TRP B 150 -8.77 -24.90 15.85
N GLY B 151 -8.22 -23.69 15.82
CA GLY B 151 -8.96 -22.51 15.40
C GLY B 151 -9.61 -22.67 14.03
N ALA B 152 -8.89 -23.28 13.10
CA ALA B 152 -9.43 -23.52 11.76
C ALA B 152 -10.59 -24.51 11.78
N VAL B 153 -10.46 -25.55 12.57
CA VAL B 153 -11.54 -26.53 12.70
C VAL B 153 -12.79 -25.83 13.25
N PHE B 154 -12.63 -25.04 14.32
CA PHE B 154 -13.76 -24.36 14.94
C PHE B 154 -14.34 -23.30 14.01
N MET B 155 -13.49 -22.63 13.25
CA MET B 155 -13.97 -21.76 12.21
C MET B 155 -14.91 -22.47 11.21
N VAL B 156 -14.50 -23.66 10.76
CA VAL B 156 -15.34 -24.42 9.83
C VAL B 156 -16.71 -24.71 10.47
N SER B 157 -16.71 -25.11 11.72
CA SER B 157 -17.96 -25.43 12.38
C SER B 157 -18.90 -24.21 12.37
N MET B 158 -18.33 -23.04 12.59
CA MET B 158 -19.09 -21.78 12.60
C MET B 158 -19.62 -21.43 11.21
N ILE B 159 -18.77 -21.60 10.20
CA ILE B 159 -19.19 -21.37 8.81
C ILE B 159 -20.40 -22.23 8.43
N LEU B 160 -20.30 -23.53 8.66
CA LEU B 160 -21.38 -24.43 8.27
C LEU B 160 -22.68 -24.09 8.96
N TYR B 161 -22.58 -23.73 10.22
CA TYR B 161 -23.74 -23.42 11.00
C TYR B 161 -24.38 -22.08 10.55
N MET B 162 -23.57 -21.04 10.39
CA MET B 162 -24.08 -19.74 9.96
C MET B 162 -24.63 -19.80 8.52
N LEU B 163 -24.13 -20.71 7.71
CA LEU B 163 -24.63 -20.87 6.34
C LEU B 163 -26.09 -21.33 6.31
N ARG B 164 -26.64 -21.74 7.45
CA ARG B 164 -28.05 -22.14 7.51
C ARG B 164 -28.99 -20.98 7.36
N GLY B 165 -28.54 -19.78 7.69
CA GLY B 165 -29.41 -18.61 7.64
C GLY B 165 -30.53 -18.61 8.68
N VAL B 166 -30.32 -19.27 9.80
CA VAL B 166 -31.29 -19.28 10.91
C VAL B 166 -30.94 -18.18 11.89
N ASP B 167 -31.96 -17.44 12.34
CA ASP B 167 -31.76 -16.38 13.28
C ASP B 167 -31.63 -16.92 14.70
N ARG B 168 -30.54 -17.61 14.96
CA ARG B 168 -30.38 -18.26 16.25
C ARG B 168 -30.19 -17.25 17.36
N ILE B 169 -29.42 -16.21 17.08
CA ILE B 169 -29.21 -15.13 18.05
C ILE B 169 -30.55 -14.52 18.44
N GLY B 170 -31.44 -14.31 17.48
CA GLY B 170 -32.78 -13.81 17.79
C GLY B 170 -33.58 -14.77 18.65
N GLU B 171 -33.47 -16.06 18.37
CA GLU B 171 -34.20 -17.06 19.12
C GLU B 171 -33.75 -17.11 20.57
N LEU B 172 -32.46 -16.89 20.79
CA LEU B 172 -31.88 -17.00 22.12
C LEU B 172 -31.96 -15.72 22.94
N THR B 173 -32.28 -14.61 22.30
CA THR B 173 -32.35 -13.32 22.99
C THR B 173 -33.75 -12.73 22.98
N ASP B 174 -34.76 -13.58 22.77
CA ASP B 174 -36.16 -13.16 22.69
C ASP B 174 -36.36 -12.04 21.70
N GLY B 175 -35.64 -12.08 20.57
CA GLY B 175 -35.76 -11.08 19.52
C GLY B 175 -35.04 -9.78 19.77
N HIS B 176 -34.30 -9.68 20.86
CA HIS B 176 -33.64 -8.42 21.20
C HIS B 176 -32.40 -8.17 20.35
N LEU B 177 -31.73 -9.23 19.92
CA LEU B 177 -30.54 -9.09 19.08
C LEU B 177 -30.71 -9.85 17.80
N HIS B 178 -30.24 -9.24 16.71
CA HIS B 178 -30.18 -9.89 15.42
C HIS B 178 -28.88 -9.51 14.76
N ALA B 179 -28.43 -10.35 13.84
CA ALA B 179 -27.43 -9.92 12.87
C ALA B 179 -27.93 -8.67 12.13
N GLU B 180 -27.10 -7.65 12.07
CA GLU B 180 -27.41 -6.44 11.32
C GLU B 180 -27.34 -6.67 9.81
N SER B 181 -26.39 -7.51 9.39
CA SER B 181 -26.05 -7.69 7.98
C SER B 181 -25.06 -8.84 7.86
N GLU B 182 -24.80 -9.25 6.62
CA GLU B 182 -23.82 -10.30 6.39
C GLU B 182 -22.47 -9.84 6.93
N ASP B 183 -22.15 -8.57 6.78
CA ASP B 183 -20.86 -8.11 7.24
C ASP B 183 -20.74 -8.12 8.76
N ASP B 184 -21.83 -7.83 9.47
CA ASP B 184 -21.86 -7.94 10.91
C ASP B 184 -21.59 -9.39 11.33
N ILE B 185 -22.19 -10.34 10.65
CA ILE B 185 -21.94 -11.75 10.92
C ILE B 185 -20.44 -12.07 10.70
N VAL B 186 -19.90 -11.65 9.57
CA VAL B 186 -18.51 -11.93 9.24
C VAL B 186 -17.59 -11.33 10.31
N GLU B 187 -17.88 -10.08 10.66
CA GLU B 187 -17.14 -9.35 11.66
C GLU B 187 -17.13 -10.10 13.00
N ARG B 188 -18.30 -10.52 13.45
CA ARG B 188 -18.40 -11.18 14.74
C ARG B 188 -17.70 -12.53 14.74
N MET B 189 -17.83 -13.28 13.65
CA MET B 189 -17.11 -14.56 13.51
C MET B 189 -15.60 -14.32 13.55
N THR B 190 -15.16 -13.31 12.81
CA THR B 190 -13.76 -13.02 12.70
C THR B 190 -13.17 -12.72 14.09
N ILE B 191 -13.82 -11.83 14.82
CA ILE B 191 -13.33 -11.42 16.14
C ILE B 191 -13.31 -12.61 17.06
N PHE B 192 -14.38 -13.40 17.01
CA PHE B 192 -14.51 -14.56 17.89
C PHE B 192 -13.36 -15.55 17.62
N ILE B 193 -13.11 -15.84 16.35
CA ILE B 193 -12.11 -16.82 15.96
C ILE B 193 -10.71 -16.34 16.31
N THR B 194 -10.44 -15.08 16.03
CA THR B 194 -9.14 -14.47 16.30
C THR B 194 -8.82 -14.50 17.78
N GLY B 195 -9.79 -14.15 18.61
CA GLY B 195 -9.63 -14.21 20.07
C GLY B 195 -9.46 -15.63 20.57
N GLY B 196 -10.25 -16.55 20.03
CA GLY B 196 -10.16 -17.95 20.42
C GLY B 196 -8.80 -18.53 20.11
N ILE B 197 -8.28 -18.24 18.93
CA ILE B 197 -6.94 -18.68 18.57
C ILE B 197 -5.90 -18.13 19.55
N ASN B 198 -6.04 -16.85 19.89
CA ASN B 198 -5.17 -16.25 20.90
C ASN B 198 -5.21 -16.96 22.23
N SER B 199 -6.41 -17.29 22.69
CA SER B 199 -6.56 -17.96 23.97
C SER B 199 -6.00 -19.36 23.95
N LEU B 200 -6.13 -20.08 22.84
CA LEU B 200 -5.51 -21.41 22.74
C LEU B 200 -3.99 -21.29 22.85
N LYS B 201 -3.44 -20.29 22.16
CA LYS B 201 -2.02 -20.02 22.17
C LYS B 201 -1.58 -19.66 23.59
N GLN B 202 -2.22 -18.66 24.16
CA GLN B 202 -1.94 -18.16 25.51
C GLN B 202 -2.00 -19.26 26.60
N ALA B 203 -2.93 -20.21 26.43
CA ALA B 203 -3.13 -21.26 27.42
C ALA B 203 -2.02 -22.32 27.38
N THR B 204 -1.43 -22.53 26.21
CA THR B 204 -0.25 -23.40 26.11
C THR B 204 1.01 -22.68 26.67
N GLN B 205 1.59 -23.35 27.67
CA GLN B 205 2.51 -22.77 28.68
C GLN B 205 1.80 -21.69 29.55
N ASP B 206 2.35 -20.47 29.69
CA ASP B 206 1.86 -19.53 30.72
C ASP B 206 0.64 -18.76 30.20
N MET C 1 47.80 3.06 8.73
CA MET C 1 46.37 2.79 8.39
C MET C 1 45.42 3.17 9.54
N GLU C 2 45.78 2.91 10.80
CA GLU C 2 45.01 3.48 11.94
C GLU C 2 45.10 5.00 11.85
N LEU C 3 46.28 5.49 11.49
CA LEU C 3 46.51 6.93 11.37
C LEU C 3 45.75 7.51 10.18
N ILE C 4 45.76 6.80 9.05
CA ILE C 4 45.07 7.25 7.84
C ILE C 4 43.57 7.28 8.09
N LEU C 5 43.06 6.24 8.73
CA LEU C 5 41.67 6.18 9.11
C LEU C 5 41.24 7.35 9.97
N ASN C 6 42.04 7.69 10.97
CA ASN C 6 41.70 8.78 11.87
C ASN C 6 41.61 10.08 11.10
N GLU C 7 42.59 10.33 10.25
CA GLU C 7 42.56 11.52 9.42
C GLU C 7 41.40 11.52 8.44
N ALA C 8 41.11 10.36 7.85
CA ALA C 8 40.00 10.25 6.91
C ALA C 8 38.70 10.55 7.62
N GLU C 9 38.56 9.99 8.83
CA GLU C 9 37.42 10.25 9.71
C GLU C 9 37.20 11.74 9.92
N LYS C 10 38.25 12.48 10.25
CA LYS C 10 38.15 13.92 10.51
C LYS C 10 37.71 14.67 9.25
N VAL C 11 38.35 14.37 8.12
CA VAL C 11 37.99 15.05 6.88
C VAL C 11 36.56 14.74 6.46
N PHE C 12 36.16 13.46 6.53
CA PHE C 12 34.77 13.11 6.20
C PHE C 12 33.80 13.82 7.14
N ALA C 13 34.12 13.87 8.42
CA ALA C 13 33.26 14.55 9.39
C ALA C 13 33.07 16.03 9.08
N MET C 14 34.12 16.69 8.61
CA MET C 14 34.06 18.12 8.27
C MET C 14 33.40 18.42 6.92
N HIS C 15 33.69 17.61 5.91
CA HIS C 15 33.32 17.96 4.53
C HIS C 15 32.30 17.02 3.91
N GLY C 16 31.95 15.93 4.58
CA GLY C 16 31.14 14.90 3.96
C GLY C 16 31.91 14.06 2.95
N PHE C 17 31.24 13.05 2.41
CA PHE C 17 31.88 12.13 1.47
C PHE C 17 32.30 12.84 0.20
N LEU C 18 31.39 13.59 -0.42
CA LEU C 18 31.68 14.27 -1.69
C LEU C 18 32.76 15.32 -1.59
N GLY C 19 32.68 16.14 -0.57
CA GLY C 19 33.63 17.24 -0.39
C GLY C 19 35.00 16.79 0.06
N ALA C 20 35.08 15.63 0.68
CA ALA C 20 36.37 15.07 1.09
C ALA C 20 37.16 14.64 -0.14
N THR C 21 38.46 14.89 -0.11
CA THR C 21 39.35 14.47 -1.17
C THR C 21 40.44 13.59 -0.57
N LEU C 22 40.87 12.61 -1.34
CA LEU C 22 42.01 11.82 -0.94
C LEU C 22 43.27 12.68 -0.84
N LYS C 23 43.35 13.75 -1.64
CA LYS C 23 44.45 14.74 -1.54
C LYS C 23 44.61 15.21 -0.11
N GLN C 24 43.54 15.78 0.41
CA GLN C 24 43.53 16.37 1.74
C GLN C 24 43.90 15.33 2.78
N ILE C 25 43.31 14.14 2.67
CA ILE C 25 43.57 13.07 3.64
C ILE C 25 45.01 12.60 3.59
N ALA C 26 45.57 12.52 2.39
CA ALA C 26 46.98 12.18 2.21
C ALA C 26 47.89 13.26 2.83
N GLN C 27 47.64 14.51 2.49
CA GLN C 27 48.38 15.63 3.10
C GLN C 27 48.36 15.54 4.62
N ASN C 28 47.16 15.47 5.20
CA ASN C 28 47.02 15.47 6.64
C ASN C 28 47.70 14.26 7.28
N SER C 29 47.74 13.14 6.55
CA SER C 29 48.39 11.93 7.05
C SER C 29 49.89 11.83 6.76
N ASN C 30 50.41 12.80 6.00
CA ASN C 30 51.82 12.79 5.58
C ASN C 30 52.21 11.54 4.76
N VAL C 31 51.32 11.14 3.87
CA VAL C 31 51.60 10.06 2.92
C VAL C 31 51.07 10.49 1.56
N THR C 32 51.32 9.67 0.55
CA THR C 32 50.82 9.96 -0.80
C THR C 32 49.40 9.42 -0.97
N GLN C 33 48.67 9.99 -1.92
CA GLN C 33 47.41 9.43 -2.38
C GLN C 33 47.54 7.96 -2.80
N ALA C 34 48.59 7.65 -3.54
CA ALA C 34 48.83 6.29 -4.02
C ALA C 34 48.85 5.29 -2.87
N LEU C 35 49.46 5.66 -1.75
CA LEU C 35 49.50 4.75 -0.61
C LEU C 35 48.11 4.53 -0.02
N ILE C 36 47.31 5.58 0.05
CA ILE C 36 45.96 5.45 0.59
C ILE C 36 45.15 4.51 -0.31
N THR C 37 45.24 4.77 -1.61
CA THR C 37 44.64 3.93 -2.64
C THR C 37 45.12 2.47 -2.52
N TYR C 38 46.40 2.27 -2.33
CA TYR C 38 46.94 0.94 -2.16
C TYR C 38 46.20 0.19 -1.06
N TYR C 39 45.98 0.84 0.09
CA TYR C 39 45.39 0.16 1.25
C TYR C 39 43.89 0.10 1.21
N TYR C 40 43.23 1.13 0.69
CA TYR C 40 41.79 1.26 0.86
C TYR C 40 40.99 1.26 -0.45
N GLY C 41 41.67 1.25 -1.59
CA GLY C 41 40.98 1.21 -2.88
C GLY C 41 40.35 2.54 -3.26
N THR C 42 39.06 2.70 -3.03
CA THR C 42 38.37 3.89 -3.42
C THR C 42 38.04 4.75 -2.20
N LYS C 43 37.72 5.99 -2.44
CA LYS C 43 37.26 6.87 -1.39
C LYS C 43 36.06 6.23 -0.69
N GLN C 44 35.20 5.60 -1.47
CA GLN C 44 34.02 4.95 -0.92
C GLN C 44 34.40 3.83 0.04
N ASN C 45 35.36 2.99 -0.32
CA ASN C 45 35.75 1.95 0.63
C ASN C 45 36.47 2.53 1.85
N LEU C 46 37.18 3.65 1.71
CA LEU C 46 37.83 4.28 2.85
C LEU C 46 36.76 4.76 3.85
N PHE C 47 35.71 5.36 3.31
CA PHE C 47 34.56 5.83 4.06
C PHE C 47 33.92 4.65 4.81
N MET C 48 33.75 3.53 4.12
CA MET C 48 33.18 2.35 4.74
C MET C 48 34.06 1.81 5.84
N GLU C 49 35.37 1.84 5.65
CA GLU C 49 36.28 1.39 6.68
C GLU C 49 36.20 2.25 7.95
N VAL C 50 36.05 3.55 7.78
CA VAL C 50 35.88 4.44 8.92
C VAL C 50 34.61 4.07 9.69
N TYR C 51 33.51 3.81 8.97
CA TYR C 51 32.29 3.36 9.62
C TYR C 51 32.40 1.96 10.23
N ARG C 52 33.04 1.03 9.52
CA ARG C 52 33.23 -0.31 10.04
C ARG C 52 33.93 -0.28 11.39
N ARG C 53 34.99 0.51 11.48
CA ARG C 53 35.75 0.59 12.71
C ARG C 53 34.89 1.18 13.84
N GLY C 54 34.22 2.30 13.57
CA GLY C 54 33.37 2.93 14.58
C GLY C 54 32.22 2.07 15.08
N LEU C 55 31.49 1.44 14.16
CA LEU C 55 30.30 0.67 14.52
C LEU C 55 30.59 -0.72 15.08
N SER C 56 31.82 -1.19 14.88
CA SER C 56 32.20 -2.51 15.34
C SER C 56 32.26 -2.48 16.86
N ASP C 57 32.88 -1.44 17.42
CA ASP C 57 32.95 -1.27 18.87
C ASP C 57 31.57 -0.99 19.49
N ILE C 58 30.78 -0.18 18.81
CA ILE C 58 29.45 0.15 19.28
C ILE C 58 28.56 -1.09 19.36
N ASP C 59 28.56 -1.89 18.29
CA ASP C 59 27.72 -3.09 18.25
C ASP C 59 28.20 -4.15 19.20
N LYS C 60 29.51 -4.22 19.41
CA LYS C 60 30.05 -5.14 20.38
C LYS C 60 29.50 -4.81 21.77
N LYS C 61 29.50 -3.52 22.11
CA LYS C 61 28.97 -3.09 23.40
C LYS C 61 27.46 -3.35 23.54
N ARG C 62 26.73 -3.13 22.45
CA ARG C 62 25.29 -3.43 22.45
C ARG C 62 25.07 -4.90 22.76
N GLN C 63 25.88 -5.76 22.15
CA GLN C 63 25.75 -7.17 22.33
C GLN C 63 26.06 -7.55 23.76
N ASN C 64 27.09 -6.96 24.35
CA ASN C 64 27.42 -7.25 25.74
C ASN C 64 26.31 -6.84 26.69
N TYR C 65 25.73 -5.65 26.47
CA TYR C 65 24.66 -5.18 27.34
C TYR C 65 23.42 -6.06 27.21
N LEU C 66 23.14 -6.52 26.00
CA LEU C 66 22.00 -7.39 25.74
C LEU C 66 22.21 -8.73 26.42
N ASP C 67 23.44 -9.27 26.35
CA ASP C 67 23.77 -10.51 27.07
C ASP C 67 23.57 -10.36 28.58
N GLU C 68 24.00 -9.22 29.13
CA GLU C 68 23.78 -8.92 30.54
C GLU C 68 22.29 -9.00 30.88
N LEU C 69 21.48 -8.30 30.09
CA LEU C 69 20.02 -8.34 30.23
C LEU C 69 19.47 -9.75 30.32
N LYS C 70 19.91 -10.62 29.41
CA LYS C 70 19.41 -11.98 29.35
C LYS C 70 19.87 -12.86 30.50
N SER C 71 20.88 -12.42 31.25
CA SER C 71 21.35 -13.15 32.43
C SER C 71 20.69 -12.67 33.72
N ARG C 72 19.87 -11.63 33.65
CA ARG C 72 19.19 -11.13 34.84
C ARG C 72 18.12 -12.12 35.30
N PRO C 73 18.19 -12.54 36.58
CA PRO C 73 17.15 -13.46 37.07
C PRO C 73 15.73 -12.91 36.90
N GLU C 74 15.57 -11.61 37.13
CA GLU C 74 14.26 -10.97 37.09
C GLU C 74 13.78 -10.57 35.68
N GLY C 75 14.52 -10.94 34.64
CA GLY C 75 14.12 -10.63 33.27
C GLY C 75 14.34 -9.16 32.90
N TYR C 76 13.73 -8.75 31.79
CA TYR C 76 13.91 -7.41 31.25
C TYR C 76 12.72 -7.03 30.37
N ASN C 77 12.69 -5.77 29.93
CA ASN C 77 11.56 -5.27 29.16
C ASN C 77 12.01 -4.31 28.04
N THR C 78 11.04 -3.75 27.33
CA THR C 78 11.29 -2.86 26.20
C THR C 78 12.20 -1.70 26.57
N TYR C 79 11.89 -1.05 27.70
CA TYR C 79 12.70 0.04 28.20
C TYR C 79 14.17 -0.39 28.23
N ASP C 80 14.45 -1.58 28.78
CA ASP C 80 15.83 -2.05 28.94
C ASP C 80 16.53 -2.28 27.60
N ILE C 81 15.78 -2.77 26.64
CA ILE C 81 16.32 -3.06 25.31
C ILE C 81 16.71 -1.76 24.63
N VAL C 82 15.80 -0.79 24.65
CA VAL C 82 16.03 0.50 24.01
C VAL C 82 17.26 1.19 24.60
N ARG C 83 17.31 1.24 25.93
CA ARG C 83 18.48 1.75 26.63
C ARG C 83 19.77 1.08 26.19
N THR C 84 19.73 -0.24 26.12
CA THR C 84 20.85 -1.06 25.66
C THR C 84 21.32 -0.65 24.26
N TYR C 85 20.38 -0.34 23.38
CA TYR C 85 20.72 0.07 22.02
C TYR C 85 21.33 1.47 21.98
N LEU C 86 20.80 2.36 22.81
CA LEU C 86 21.23 3.76 22.80
C LEU C 86 22.54 4.05 23.51
N ARG C 87 22.72 3.45 24.68
CA ARG C 87 23.87 3.77 25.51
C ARG C 87 25.24 3.82 24.83
N PRO C 88 25.60 2.82 24.02
CA PRO C 88 26.93 2.85 23.40
C PRO C 88 27.15 3.96 22.38
N GLN C 89 26.07 4.55 21.84
CA GLN C 89 26.26 5.73 20.99
C GLN C 89 26.57 6.98 21.77
N PHE C 90 26.25 7.00 23.07
CA PHE C 90 26.41 8.23 23.86
C PHE C 90 27.40 8.18 25.01
N GLU C 91 27.75 7.00 25.48
CA GLU C 91 28.80 6.84 26.46
C GLU C 91 30.16 6.84 25.77
N HIS C 92 31.07 7.71 26.19
CA HIS C 92 32.31 7.85 25.44
C HIS C 92 33.32 6.69 25.76
N ARG C 93 33.54 6.37 27.04
CA ARG C 93 34.49 5.28 27.39
C ARG C 93 33.85 4.15 28.17
N GLN C 97 38.01 12.76 22.14
CA GLN C 97 38.14 13.08 20.72
C GLN C 97 37.59 12.00 19.80
N ALA C 98 38.14 10.79 19.91
CA ALA C 98 37.71 9.67 19.07
C ALA C 98 36.19 9.60 18.99
N TRP C 99 35.54 9.76 20.14
CA TRP C 99 34.09 9.74 20.24
C TRP C 99 33.51 10.85 19.36
N MET C 100 33.99 12.08 19.58
CA MET C 100 33.45 13.29 18.96
C MET C 100 33.37 13.20 17.42
N HIS C 101 34.46 12.78 16.80
CA HIS C 101 34.57 12.76 15.35
C HIS C 101 33.60 11.75 14.73
N PHE C 102 33.47 10.57 15.32
CA PHE C 102 32.59 9.58 14.78
C PHE C 102 31.15 9.94 15.06
N ALA C 103 30.89 10.61 16.19
CA ALA C 103 29.54 11.07 16.48
C ALA C 103 29.11 12.11 15.43
N ARG C 104 29.99 13.07 15.16
CA ARG C 104 29.71 14.09 14.17
C ARG C 104 29.54 13.50 12.80
N LEU C 105 30.41 12.58 12.45
CA LEU C 105 30.30 11.91 11.18
C LEU C 105 28.95 11.23 11.01
N GLN C 106 28.54 10.42 11.98
CA GLN C 106 27.20 9.79 11.89
C GLN C 106 26.09 10.80 11.83
N SER C 107 26.22 11.91 12.55
CA SER C 107 25.15 12.92 12.56
C SER C 107 24.91 13.55 11.19
N ARG C 108 25.90 13.46 10.31
CA ARG C 108 25.77 14.00 8.94
C ARG C 108 25.30 12.98 7.93
N LEU C 109 25.00 11.77 8.38
CA LEU C 109 24.81 10.67 7.45
C LEU C 109 23.73 10.97 6.42
N ALA C 110 22.67 11.67 6.82
CA ALA C 110 21.55 11.96 5.92
C ALA C 110 21.93 12.80 4.72
N SER C 111 23.00 13.56 4.82
CA SER C 111 23.41 14.37 3.71
C SER C 111 24.37 13.65 2.75
N GLU C 112 24.70 12.39 3.03
CA GLU C 112 25.62 11.65 2.17
C GLU C 112 24.85 11.10 0.97
N PRO C 113 25.51 10.94 -0.18
CA PRO C 113 24.75 10.40 -1.33
C PRO C 113 24.29 8.97 -1.11
N GLU C 114 23.12 8.67 -1.63
CA GLU C 114 22.49 7.37 -1.47
C GLU C 114 23.38 6.26 -2.00
N GLU C 115 24.20 6.54 -3.00
CA GLU C 115 25.14 5.56 -3.55
C GLU C 115 26.09 5.01 -2.48
N VAL C 116 26.46 5.84 -1.51
CA VAL C 116 27.27 5.32 -0.40
C VAL C 116 26.41 4.96 0.79
N ALA C 117 25.35 5.71 1.04
CA ALA C 117 24.57 5.50 2.26
C ALA C 117 23.81 4.18 2.24
N VAL C 118 23.27 3.81 1.07
CA VAL C 118 22.49 2.58 0.97
C VAL C 118 23.31 1.34 1.35
N PRO C 119 24.44 1.09 0.68
CA PRO C 119 25.22 -0.12 1.06
C PRO C 119 25.74 -0.01 2.49
N LEU C 120 26.07 1.20 2.92
CA LEU C 120 26.54 1.42 4.30
C LEU C 120 25.52 0.95 5.34
N ARG C 121 24.28 1.42 5.25
CA ARG C 121 23.30 1.01 6.23
C ARG C 121 22.92 -0.46 6.12
N LYS C 122 22.85 -0.96 4.89
CA LYS C 122 22.65 -2.39 4.67
C LYS C 122 23.68 -3.24 5.41
N GLU C 123 24.95 -2.91 5.28
CA GLU C 123 26.02 -3.71 5.88
C GLU C 123 26.17 -3.46 7.39
N LEU C 124 26.00 -2.22 7.83
CA LEU C 124 26.43 -1.82 9.19
C LEU C 124 25.35 -1.41 10.18
N TYR C 125 24.15 -1.08 9.73
CA TYR C 125 23.10 -0.69 10.66
C TYR C 125 21.94 -1.67 10.67
N ASP C 126 21.57 -2.20 9.51
CA ASP C 126 20.31 -2.93 9.38
C ASP C 126 20.20 -4.17 10.22
N HIS C 127 21.24 -4.99 10.22
CA HIS C 127 21.18 -6.27 10.91
C HIS C 127 20.92 -6.08 12.41
N THR C 128 21.66 -5.16 13.01
CA THR C 128 21.51 -4.88 14.43
C THR C 128 20.18 -4.22 14.75
N LEU C 129 19.69 -3.35 13.87
CA LEU C 129 18.36 -2.80 14.06
C LEU C 129 17.28 -3.84 13.97
N LYS C 130 17.37 -4.74 13.00
CA LYS C 130 16.39 -5.82 12.91
C LYS C 130 16.43 -6.69 14.14
N ALA C 131 17.64 -6.93 14.66
CA ALA C 131 17.80 -7.75 15.86
C ALA C 131 17.12 -7.05 17.04
N PHE C 132 17.28 -5.74 17.11
CA PHE C 132 16.64 -4.94 18.15
C PHE C 132 15.12 -5.00 18.06
N ILE C 133 14.60 -4.86 16.85
CA ILE C 133 13.17 -4.99 16.65
C ILE C 133 12.73 -6.37 17.13
N HIS C 134 13.47 -7.39 16.74
CA HIS C 134 13.14 -8.76 17.09
C HIS C 134 13.13 -8.97 18.61
N GLU C 135 14.13 -8.44 19.29
CA GLU C 135 14.22 -8.58 20.75
C GLU C 135 13.03 -7.92 21.43
N ILE C 136 12.62 -6.77 20.93
CA ILE C 136 11.44 -6.10 21.49
C ILE C 136 10.19 -6.90 21.25
N MET C 137 10.08 -7.53 20.08
CA MET C 137 8.91 -8.34 19.78
C MET C 137 8.78 -9.55 20.69
N GLU C 138 9.91 -10.10 21.12
CA GLU C 138 9.90 -11.24 22.04
C GLU C 138 9.42 -10.87 23.44
N CYS C 139 9.30 -9.58 23.77
CA CYS C 139 8.78 -9.18 25.07
C CYS C 139 7.26 -9.36 25.17
N GLU C 140 6.80 -9.61 26.40
CA GLU C 140 5.37 -9.66 26.74
C GLU C 140 4.66 -8.35 26.41
N GLY C 141 3.45 -8.45 25.86
CA GLY C 141 2.67 -7.29 25.47
C GLY C 141 3.08 -6.68 24.14
N GLU C 142 4.15 -7.20 23.54
CA GLU C 142 4.62 -6.74 22.25
C GLU C 142 4.29 -7.80 21.18
N ASP C 143 3.20 -7.56 20.45
CA ASP C 143 2.79 -8.35 19.26
C ASP C 143 2.25 -7.42 18.14
N ASP C 144 2.83 -6.20 18.05
CA ASP C 144 2.56 -5.27 16.96
C ASP C 144 3.89 -4.84 16.31
N ALA C 145 4.22 -5.46 15.19
CA ALA C 145 5.48 -5.23 14.49
C ALA C 145 5.60 -3.80 13.90
N ALA C 146 4.48 -3.28 13.43
CA ALA C 146 4.44 -1.94 12.85
C ALA C 146 4.84 -0.88 13.87
N ALA C 147 4.28 -1.01 15.08
CA ALA C 147 4.54 -0.05 16.14
C ALA C 147 6.02 -0.06 16.51
N VAL C 148 6.59 -1.25 16.60
CA VAL C 148 7.99 -1.36 17.00
C VAL C 148 8.90 -0.93 15.86
N SER C 149 8.52 -1.29 14.64
CA SER C 149 9.36 -0.97 13.49
C SER C 149 9.38 0.54 13.20
N TRP C 150 8.22 1.18 13.30
CA TRP C 150 8.15 2.64 13.21
C TRP C 150 8.91 3.29 14.37
N GLY C 151 8.75 2.72 15.55
CA GLY C 151 9.51 3.16 16.70
C GLY C 151 11.00 3.13 16.46
N ALA C 152 11.47 2.08 15.79
CA ALA C 152 12.90 1.96 15.48
C ALA C 152 13.36 3.04 14.50
N VAL C 153 12.55 3.32 13.49
CA VAL C 153 12.86 4.38 12.54
C VAL C 153 12.94 5.73 13.27
N PHE C 154 11.97 6.03 14.12
CA PHE C 154 12.00 7.28 14.85
C PHE C 154 13.15 7.33 15.83
N MET C 155 13.46 6.18 16.46
CA MET C 155 14.65 6.12 17.30
C MET C 155 15.89 6.56 16.53
N VAL C 156 16.04 6.05 15.30
CA VAL C 156 17.23 6.39 14.51
C VAL C 156 17.27 7.88 14.27
N SER C 157 16.13 8.48 13.94
CA SER C 157 16.09 9.93 13.71
C SER C 157 16.58 10.72 14.93
N MET C 158 16.23 10.22 16.12
CA MET C 158 16.62 10.85 17.38
C MET C 158 18.11 10.67 17.63
N ILE C 159 18.63 9.47 17.36
CA ILE C 159 20.05 9.20 17.52
C ILE C 159 20.88 10.14 16.65
N LEU C 160 20.55 10.21 15.37
CA LEU C 160 21.34 11.04 14.46
C LEU C 160 21.35 12.50 14.87
N TYR C 161 20.20 13.00 15.34
CA TYR C 161 20.09 14.36 15.74
C TYR C 161 20.86 14.63 17.02
N MET C 162 20.70 13.77 18.01
CA MET C 162 21.38 13.98 19.29
C MET C 162 22.91 13.79 19.17
N LEU C 163 23.34 13.03 18.17
CA LEU C 163 24.77 12.87 17.92
C LEU C 163 25.43 14.16 17.44
N ARG C 164 24.65 15.18 17.11
CA ARG C 164 25.25 16.46 16.75
C ARG C 164 25.92 17.15 17.95
N GLY C 165 25.47 16.84 19.18
CA GLY C 165 26.03 17.47 20.38
C GLY C 165 25.61 18.92 20.55
N VAL C 166 24.46 19.27 19.98
CA VAL C 166 23.93 20.61 20.09
C VAL C 166 22.95 20.71 21.25
N ASP C 167 23.11 21.75 22.07
CA ASP C 167 22.23 21.99 23.20
C ASP C 167 20.90 22.64 22.75
N ARG C 168 20.09 21.87 22.03
CA ARG C 168 18.89 22.44 21.43
C ARG C 168 17.89 22.81 22.51
N ILE C 169 17.78 21.96 23.52
CA ILE C 169 16.88 22.23 24.65
C ILE C 169 17.24 23.57 25.32
N GLY C 170 18.53 23.83 25.48
CA GLY C 170 18.98 25.10 26.01
C GLY C 170 18.64 26.28 25.12
N GLU C 171 18.76 26.08 23.81
CA GLU C 171 18.44 27.11 22.85
C GLU C 171 16.97 27.49 22.87
N LEU C 172 16.11 26.50 23.11
CA LEU C 172 14.68 26.70 23.06
C LEU C 172 14.06 27.14 24.38
N THR C 173 14.82 27.07 25.47
CA THR C 173 14.29 27.39 26.81
C THR C 173 15.02 28.55 27.46
N ASP C 174 15.66 29.37 26.64
CA ASP C 174 16.47 30.49 27.13
C ASP C 174 17.48 30.06 28.18
N GLY C 175 18.08 28.89 28.01
CA GLY C 175 19.11 28.41 28.93
C GLY C 175 18.57 27.87 30.25
N HIS C 176 17.26 27.77 30.41
CA HIS C 176 16.70 27.27 31.66
C HIS C 176 16.80 25.74 31.80
N LEU C 177 16.76 25.01 30.70
CA LEU C 177 16.86 23.56 30.75
C LEU C 177 18.01 23.09 29.91
N HIS C 178 18.74 22.10 30.43
CA HIS C 178 19.82 21.47 29.72
C HIS C 178 19.82 19.98 30.01
N ALA C 179 20.37 19.21 29.08
CA ALA C 179 20.80 17.86 29.37
C ALA C 179 21.78 17.90 30.54
N GLU C 180 21.51 17.11 31.55
CA GLU C 180 22.38 17.01 32.70
C GLU C 180 23.70 16.28 32.34
N SER C 181 23.58 15.31 31.45
CA SER C 181 24.65 14.37 31.17
C SER C 181 24.24 13.48 30.00
N GLU C 182 25.18 12.72 29.48
CA GLU C 182 24.88 11.77 28.43
C GLU C 182 23.83 10.79 28.91
N ASP C 183 23.89 10.37 30.17
CA ASP C 183 22.89 9.45 30.67
C ASP C 183 21.48 10.03 30.74
N ASP C 184 21.37 11.30 31.10
CA ASP C 184 20.09 11.97 31.08
C ASP C 184 19.52 11.98 29.65
N ILE C 185 20.37 12.25 28.65
CA ILE C 185 19.93 12.21 27.27
C ILE C 185 19.44 10.80 26.89
N VAL C 186 20.22 9.78 27.24
CA VAL C 186 19.85 8.39 26.97
C VAL C 186 18.50 8.03 27.64
N GLU C 187 18.38 8.40 28.89
CA GLU C 187 17.18 8.18 29.66
C GLU C 187 15.96 8.79 28.98
N ARG C 188 16.08 10.05 28.59
CA ARG C 188 14.94 10.76 28.04
C ARG C 188 14.55 10.20 26.69
N MET C 189 15.55 9.85 25.88
CA MET C 189 15.28 9.21 24.59
C MET C 189 14.56 7.86 24.83
N THR C 190 15.07 7.09 25.79
CA THR C 190 14.52 5.78 26.06
C THR C 190 13.05 5.89 26.44
N ILE C 191 12.72 6.78 27.38
CA ILE C 191 11.37 6.93 27.85
C ILE C 191 10.47 7.39 26.71
N PHE C 192 10.96 8.33 25.94
CA PHE C 192 10.19 8.88 24.85
C PHE C 192 9.86 7.80 23.82
N ILE C 193 10.86 7.01 23.46
CA ILE C 193 10.69 5.97 22.44
C ILE C 193 9.75 4.87 22.94
N THR C 194 9.95 4.46 24.18
CA THR C 194 9.15 3.40 24.78
C THR C 194 7.68 3.79 24.82
N GLY C 195 7.41 5.03 25.21
CA GLY C 195 6.04 5.53 25.25
C GLY C 195 5.43 5.71 23.87
N GLY C 196 6.22 6.20 22.94
CA GLY C 196 5.77 6.33 21.57
C GLY C 196 5.39 4.99 20.96
N ILE C 197 6.22 3.97 21.17
CA ILE C 197 5.92 2.64 20.69
C ILE C 197 4.59 2.16 21.27
N ASN C 198 4.40 2.38 22.57
CA ASN C 198 3.15 2.02 23.22
C ASN C 198 1.94 2.71 22.60
N SER C 199 2.08 4.00 22.30
CA SER C 199 0.97 4.75 21.69
C SER C 199 0.68 4.30 20.27
N LEU C 200 1.70 3.94 19.51
CA LEU C 200 1.45 3.40 18.18
C LEU C 200 0.68 2.09 18.28
N LYS C 201 1.08 1.24 19.22
CA LYS C 201 0.44 -0.05 19.45
C LYS C 201 -1.02 0.18 19.87
N GLN C 202 -1.20 0.98 20.91
CA GLN C 202 -2.52 1.33 21.43
C GLN C 202 -3.48 1.91 20.37
N ALA C 203 -2.94 2.69 19.43
CA ALA C 203 -3.76 3.35 18.42
C ALA C 203 -4.22 2.42 17.30
N THR C 204 -3.42 1.39 17.00
CA THR C 204 -3.84 0.39 16.00
C THR C 204 -4.79 -0.65 16.58
N GLN C 205 -4.87 -0.75 17.92
CA GLN C 205 -5.84 -1.59 18.59
C GLN C 205 -7.26 -1.04 18.42
N ASP C 206 -7.36 0.29 18.28
CA ASP C 206 -8.64 0.93 17.97
C ASP C 206 -9.20 0.60 16.56
N LYS C 207 -8.33 0.31 15.58
CA LYS C 207 -8.75 -0.08 14.22
C LYS C 207 -9.57 -1.38 14.11
N TYR C 208 -9.03 -2.46 14.66
CA TYR C 208 -9.50 -3.86 14.46
C TYR C 208 -9.21 -4.35 13.03
N MET D 1 14.90 36.73 -9.92
CA MET D 1 15.17 36.44 -8.48
C MET D 1 14.34 35.25 -7.98
N GLU D 2 13.08 35.10 -8.40
CA GLU D 2 12.33 33.86 -8.09
C GLU D 2 13.05 32.73 -8.80
N LEU D 3 13.54 33.01 -10.01
CA LEU D 3 14.25 32.01 -10.79
C LEU D 3 15.61 31.68 -10.17
N ILE D 4 16.32 32.71 -9.71
CA ILE D 4 17.62 32.53 -9.10
C ILE D 4 17.48 31.74 -7.80
N LEU D 5 16.49 32.09 -7.00
CA LEU D 5 16.17 31.37 -5.79
C LEU D 5 15.93 29.89 -6.03
N ASN D 6 15.13 29.57 -7.04
CA ASN D 6 14.81 28.17 -7.32
C ASN D 6 16.06 27.41 -7.68
N GLU D 7 16.89 27.99 -8.53
CA GLU D 7 18.16 27.37 -8.87
C GLU D 7 19.09 27.24 -7.67
N ALA D 8 19.14 28.28 -6.85
CA ALA D 8 20.00 28.25 -5.67
C ALA D 8 19.53 27.12 -4.77
N GLU D 9 18.22 27.02 -4.58
CA GLU D 9 17.58 25.96 -3.78
C GLU D 9 18.03 24.58 -4.24
N LYS D 10 18.00 24.34 -5.55
CA LYS D 10 18.40 23.03 -6.09
C LYS D 10 19.88 22.74 -5.82
N VAL D 11 20.74 23.71 -6.09
CA VAL D 11 22.16 23.53 -5.86
C VAL D 11 22.46 23.31 -4.38
N PHE D 12 21.87 24.10 -3.50
CA PHE D 12 22.08 23.91 -2.06
C PHE D 12 21.58 22.53 -1.62
N ALA D 13 20.43 22.12 -2.14
CA ALA D 13 19.87 20.79 -1.82
C ALA D 13 20.80 19.65 -2.22
N MET D 14 21.47 19.79 -3.36
CA MET D 14 22.40 18.76 -3.86
C MET D 14 23.78 18.77 -3.19
N HIS D 15 24.32 19.96 -2.94
CA HIS D 15 25.73 20.08 -2.53
C HIS D 15 25.95 20.63 -1.13
N GLY D 16 24.89 21.07 -0.47
CA GLY D 16 25.03 21.78 0.78
C GLY D 16 25.54 23.21 0.60
N PHE D 17 25.65 23.92 1.70
CA PHE D 17 26.06 25.31 1.67
C PHE D 17 27.50 25.45 1.20
N LEU D 18 28.40 24.70 1.79
CA LEU D 18 29.82 24.79 1.44
C LEU D 18 30.14 24.40 0.02
N GLY D 19 29.57 23.28 -0.43
CA GLY D 19 29.84 22.75 -1.77
C GLY D 19 29.19 23.54 -2.89
N ALA D 20 28.12 24.27 -2.57
CA ALA D 20 27.46 25.13 -3.54
C ALA D 20 28.34 26.33 -3.86
N THR D 21 28.37 26.69 -5.12
CA THR D 21 29.11 27.86 -5.58
C THR D 21 28.14 28.80 -6.27
N LEU D 22 28.39 30.09 -6.12
CA LEU D 22 27.65 31.07 -6.89
C LEU D 22 27.89 30.91 -8.39
N LYS D 23 29.07 30.42 -8.79
CA LYS D 23 29.36 30.09 -10.20
C LYS D 23 28.26 29.21 -10.77
N GLN D 24 28.07 28.06 -10.13
CA GLN D 24 27.13 27.06 -10.59
C GLN D 24 25.73 27.64 -10.66
N ILE D 25 25.35 28.38 -9.61
CA ILE D 25 24.00 28.92 -9.54
C ILE D 25 23.78 29.96 -10.63
N ALA D 26 24.81 30.76 -10.90
CA ALA D 26 24.75 31.74 -11.98
C ALA D 26 24.62 31.04 -13.34
N GLN D 27 25.48 30.07 -13.61
CA GLN D 27 25.39 29.26 -14.83
C GLN D 27 23.99 28.72 -15.02
N ASN D 28 23.50 27.99 -14.01
CA ASN D 28 22.20 27.34 -14.13
C ASN D 28 21.08 28.36 -14.34
N SER D 29 21.23 29.56 -13.77
CA SER D 29 20.24 30.62 -13.90
C SER D 29 20.38 31.48 -15.16
N ASN D 30 21.46 31.27 -15.91
CA ASN D 30 21.78 32.08 -17.09
C ASN D 30 21.96 33.57 -16.79
N VAL D 31 22.62 33.85 -15.67
CA VAL D 31 23.01 35.22 -15.32
C VAL D 31 24.45 35.18 -14.83
N THR D 32 25.01 36.35 -14.54
CA THR D 32 26.36 36.45 -14.00
C THR D 32 26.35 36.32 -12.48
N GLN D 33 27.48 35.92 -11.93
CA GLN D 33 27.69 35.98 -10.47
C GLN D 33 27.45 37.38 -9.90
N ALA D 34 27.95 38.39 -10.60
CA ALA D 34 27.79 39.79 -10.18
C ALA D 34 26.33 40.16 -9.98
N LEU D 35 25.45 39.69 -10.85
CA LEU D 35 24.03 39.97 -10.69
C LEU D 35 23.45 39.29 -9.46
N ILE D 36 23.84 38.05 -9.20
CA ILE D 36 23.35 37.34 -8.01
C ILE D 36 23.79 38.08 -6.76
N THR D 37 25.07 38.42 -6.71
CA THR D 37 25.66 39.22 -5.66
C THR D 37 24.94 40.55 -5.50
N TYR D 38 24.64 41.22 -6.60
CA TYR D 38 23.92 42.45 -6.54
C TYR D 38 22.61 42.30 -5.76
N TYR D 39 21.86 41.22 -6.03
CA TYR D 39 20.54 41.03 -5.38
C TYR D 39 20.61 40.43 -4.01
N TYR D 40 21.53 39.51 -3.78
CA TYR D 40 21.46 38.69 -2.57
C TYR D 40 22.64 38.89 -1.63
N GLY D 41 23.65 39.65 -2.04
CA GLY D 41 24.82 39.87 -1.21
C GLY D 41 25.76 38.66 -1.17
N THR D 42 25.67 37.87 -0.14
CA THR D 42 26.59 36.77 0.02
C THR D 42 25.88 35.45 -0.25
N LYS D 43 26.66 34.40 -0.43
CA LYS D 43 26.11 33.08 -0.53
C LYS D 43 25.27 32.77 0.70
N GLN D 44 25.75 33.18 1.86
CA GLN D 44 25.04 32.96 3.10
C GLN D 44 23.68 33.62 3.08
N ASN D 45 23.60 34.86 2.61
CA ASN D 45 22.32 35.51 2.54
C ASN D 45 21.38 34.88 1.51
N LEU D 46 21.94 34.34 0.43
CA LEU D 46 21.15 33.66 -0.59
C LEU D 46 20.52 32.43 0.01
N PHE D 47 21.32 31.71 0.78
CA PHE D 47 20.89 30.50 1.49
C PHE D 47 19.73 30.84 2.43
N MET D 48 19.87 31.93 3.15
CA MET D 48 18.84 32.40 4.07
C MET D 48 17.57 32.77 3.35
N GLU D 49 17.70 33.40 2.20
CA GLU D 49 16.51 33.76 1.41
C GLU D 49 15.78 32.54 0.92
N VAL D 50 16.49 31.50 0.54
CA VAL D 50 15.85 30.25 0.16
C VAL D 50 15.04 29.68 1.34
N TYR D 51 15.63 29.67 2.52
CA TYR D 51 14.92 29.22 3.71
C TYR D 51 13.76 30.14 4.12
N ARG D 52 13.97 31.45 4.06
CA ARG D 52 12.91 32.42 4.35
C ARG D 52 11.69 32.19 3.50
N ARG D 53 11.90 31.97 2.22
CA ARG D 53 10.77 31.74 1.33
C ARG D 53 10.06 30.45 1.70
N GLY D 54 10.81 29.37 1.86
CA GLY D 54 10.21 28.07 2.18
C GLY D 54 9.44 28.04 3.50
N LEU D 55 10.05 28.59 4.55
CA LEU D 55 9.44 28.52 5.88
C LEU D 55 8.34 29.54 6.12
N SER D 56 8.26 30.54 5.25
CA SER D 56 7.26 31.57 5.39
C SER D 56 5.89 30.96 5.10
N ASP D 57 5.81 30.19 4.01
CA ASP D 57 4.57 29.50 3.66
C ASP D 57 4.21 28.40 4.68
N ILE D 58 5.21 27.68 5.16
CA ILE D 58 4.98 26.62 6.11
C ILE D 58 4.41 27.18 7.41
N ASP D 59 5.03 28.25 7.91
CA ASP D 59 4.59 28.83 9.18
C ASP D 59 3.25 29.54 9.05
N LYS D 60 2.97 30.09 7.88
CA LYS D 60 1.67 30.68 7.62
C LYS D 60 0.59 29.60 7.72
N LYS D 61 0.84 28.44 7.14
CA LYS D 61 -0.10 27.33 7.23
C LYS D 61 -0.26 26.80 8.66
N ARG D 62 0.84 26.73 9.41
CA ARG D 62 0.77 26.32 10.81
C ARG D 62 -0.13 27.26 11.60
N GLN D 63 -0.01 28.55 11.32
CA GLN D 63 -0.79 29.56 12.01
C GLN D 63 -2.27 29.43 11.67
N ASN D 64 -2.58 29.18 10.40
CA ASN D 64 -3.98 29.00 9.99
C ASN D 64 -4.58 27.79 10.66
N TYR D 65 -3.83 26.69 10.73
CA TYR D 65 -4.36 25.47 11.33
C TYR D 65 -4.57 25.62 12.81
N LEU D 66 -3.67 26.37 13.45
CA LEU D 66 -3.79 26.64 14.88
C LEU D 66 -4.98 27.54 15.14
N ASP D 67 -5.21 28.54 14.30
CA ASP D 67 -6.42 29.39 14.42
C ASP D 67 -7.69 28.55 14.29
N GLU D 68 -7.69 27.61 13.34
CA GLU D 68 -8.83 26.70 13.15
C GLU D 68 -9.12 25.95 14.45
N LEU D 69 -8.07 25.35 15.01
CA LEU D 69 -8.17 24.67 16.31
C LEU D 69 -8.85 25.52 17.37
N LYS D 70 -8.42 26.77 17.50
CA LYS D 70 -8.93 27.66 18.54
C LYS D 70 -10.37 28.10 18.32
N SER D 71 -10.89 27.90 17.11
CA SER D 71 -12.28 28.20 16.81
C SER D 71 -13.21 27.00 16.98
N ARG D 72 -12.65 25.83 17.29
CA ARG D 72 -13.49 24.64 17.49
C ARG D 72 -14.31 24.74 18.77
N PRO D 73 -15.64 24.61 18.67
CA PRO D 73 -16.44 24.65 19.89
C PRO D 73 -15.99 23.63 20.95
N GLU D 74 -15.62 22.44 20.51
CA GLU D 74 -15.26 21.34 21.42
C GLU D 74 -13.81 21.38 21.92
N GLY D 75 -13.06 22.43 21.59
CA GLY D 75 -11.68 22.57 22.03
C GLY D 75 -10.71 21.67 21.27
N TYR D 76 -9.50 21.54 21.82
CA TYR D 76 -8.43 20.78 21.18
C TYR D 76 -7.45 20.30 22.23
N ASN D 77 -6.49 19.48 21.79
CA ASN D 77 -5.54 18.87 22.71
C ASN D 77 -4.13 18.78 22.09
N THR D 78 -3.21 18.18 22.84
CA THR D 78 -1.83 18.03 22.42
C THR D 78 -1.71 17.37 21.05
N TYR D 79 -2.43 16.28 20.87
CA TYR D 79 -2.43 15.56 19.59
C TYR D 79 -2.69 16.53 18.45
N ASP D 80 -3.72 17.38 18.61
CA ASP D 80 -4.11 18.32 17.56
C ASP D 80 -3.01 19.34 17.27
N ILE D 81 -2.34 19.80 18.31
CA ILE D 81 -1.30 20.80 18.18
C ILE D 81 -0.13 20.22 17.37
N VAL D 82 0.29 19.02 17.75
CA VAL D 82 1.42 18.36 17.11
C VAL D 82 1.13 18.13 15.64
N ARG D 83 -0.04 17.59 15.35
CA ARG D 83 -0.48 17.40 13.98
C ARG D 83 -0.39 18.71 13.19
N THR D 84 -0.90 19.77 13.81
CA THR D 84 -0.89 21.11 13.21
C THR D 84 0.52 21.54 12.85
N TYR D 85 1.48 21.24 13.72
CA TYR D 85 2.86 21.61 13.48
C TYR D 85 3.50 20.78 12.37
N LEU D 86 3.15 19.50 12.30
CA LEU D 86 3.72 18.57 11.33
C LEU D 86 3.15 18.67 9.92
N ARG D 87 1.85 18.79 9.81
CA ARG D 87 1.16 18.76 8.52
C ARG D 87 1.81 19.57 7.38
N PRO D 88 2.13 20.85 7.62
CA PRO D 88 2.61 21.66 6.53
C PRO D 88 3.98 21.27 6.02
N GLN D 89 4.74 20.51 6.80
CA GLN D 89 6.01 19.99 6.31
C GLN D 89 5.84 18.79 5.38
N PHE D 90 4.69 18.11 5.45
CA PHE D 90 4.49 16.86 4.69
C PHE D 90 3.36 16.85 3.66
N GLU D 91 2.42 17.78 3.77
CA GLU D 91 1.39 17.92 2.73
C GLU D 91 1.83 18.73 1.51
N HIS D 92 1.63 18.16 0.33
CA HIS D 92 1.80 18.87 -0.94
C HIS D 92 0.75 18.28 -1.85
N ARG D 93 0.43 18.96 -2.94
CA ARG D 93 -0.52 18.40 -3.91
C ARG D 93 0.22 17.88 -5.15
N GLN D 97 7.36 19.33 -7.32
CA GLN D 97 8.77 19.68 -7.34
C GLN D 97 9.18 20.65 -6.23
N ALA D 98 8.56 21.81 -6.22
CA ALA D 98 8.86 22.84 -5.22
C ALA D 98 8.96 22.22 -3.83
N TRP D 99 8.01 21.35 -3.50
CA TRP D 99 7.97 20.68 -2.22
C TRP D 99 9.27 19.87 -2.04
N MET D 100 9.59 19.03 -3.02
CA MET D 100 10.70 18.09 -2.88
C MET D 100 12.02 18.75 -2.54
N HIS D 101 12.34 19.81 -3.27
CA HIS D 101 13.65 20.43 -3.14
C HIS D 101 13.82 21.01 -1.75
N PHE D 102 12.78 21.67 -1.24
CA PHE D 102 12.87 22.30 0.04
C PHE D 102 12.84 21.25 1.16
N ALA D 103 12.13 20.15 0.92
CA ALA D 103 12.15 19.04 1.87
C ALA D 103 13.56 18.47 1.98
N ARG D 104 14.18 18.22 0.84
CA ARG D 104 15.52 17.64 0.81
C ARG D 104 16.49 18.60 1.44
N LEU D 105 16.36 19.88 1.11
CA LEU D 105 17.26 20.88 1.67
C LEU D 105 17.18 20.89 3.19
N GLN D 106 15.98 20.95 3.76
CA GLN D 106 15.86 20.89 5.21
C GLN D 106 16.40 19.61 5.79
N SER D 107 16.20 18.48 5.11
CA SER D 107 16.68 17.19 5.63
C SER D 107 18.19 17.13 5.78
N ARG D 108 18.90 18.01 5.08
CA ARG D 108 20.37 18.09 5.18
C ARG D 108 20.86 19.11 6.19
N LEU D 109 19.95 19.76 6.89
CA LEU D 109 20.33 20.93 7.68
C LEU D 109 21.41 20.62 8.71
N ALA D 110 21.38 19.44 9.32
CA ALA D 110 22.39 19.05 10.33
C ALA D 110 23.80 19.02 9.80
N SER D 111 23.99 18.86 8.50
CA SER D 111 25.34 18.83 7.96
C SER D 111 25.84 20.21 7.52
N GLU D 112 25.04 21.26 7.71
CA GLU D 112 25.49 22.60 7.35
C GLU D 112 26.37 23.17 8.47
N PRO D 113 27.28 24.08 8.14
CA PRO D 113 28.12 24.62 9.21
C PRO D 113 27.32 25.48 10.21
N GLU D 114 27.74 25.41 11.47
CA GLU D 114 27.08 26.11 12.57
C GLU D 114 27.04 27.63 12.30
N GLU D 115 28.03 28.16 11.59
CA GLU D 115 28.06 29.58 11.23
C GLU D 115 26.84 30.02 10.42
N VAL D 116 26.29 29.12 9.60
CA VAL D 116 25.03 29.46 8.93
C VAL D 116 23.84 28.88 9.68
N ALA D 117 23.98 27.70 10.26
CA ALA D 117 22.81 27.04 10.86
C ALA D 117 22.30 27.77 12.11
N VAL D 118 23.22 28.30 12.92
CA VAL D 118 22.82 29.00 14.15
C VAL D 118 21.91 30.19 13.86
N PRO D 119 22.36 31.18 13.05
CA PRO D 119 21.46 32.31 12.78
C PRO D 119 20.20 31.89 12.04
N LEU D 120 20.32 30.89 11.19
CA LEU D 120 19.15 30.36 10.50
C LEU D 120 18.06 29.88 11.45
N ARG D 121 18.40 28.98 12.37
CA ARG D 121 17.37 28.46 13.26
C ARG D 121 16.86 29.52 14.24
N LYS D 122 17.76 30.38 14.71
CA LYS D 122 17.36 31.52 15.53
C LYS D 122 16.27 32.35 14.85
N GLU D 123 16.47 32.68 13.58
CA GLU D 123 15.55 33.55 12.87
C GLU D 123 14.29 32.83 12.40
N LEU D 124 14.42 31.58 11.98
CA LEU D 124 13.35 30.91 11.23
C LEU D 124 12.66 29.70 11.89
N TYR D 125 13.28 29.09 12.90
CA TYR D 125 12.68 27.91 13.54
C TYR D 125 12.32 28.13 15.00
N ASP D 126 13.14 28.87 15.73
CA ASP D 126 13.01 28.97 17.18
C ASP D 126 11.72 29.56 17.68
N HIS D 127 11.32 30.70 17.11
CA HIS D 127 10.12 31.38 17.58
C HIS D 127 8.89 30.48 17.49
N THR D 128 8.72 29.84 16.34
CA THR D 128 7.57 28.99 16.12
C THR D 128 7.61 27.71 16.97
N LEU D 129 8.80 27.17 17.19
CA LEU D 129 8.93 26.04 18.11
C LEU D 129 8.63 26.42 19.55
N LYS D 130 9.10 27.56 20.00
CA LYS D 130 8.74 28.02 21.33
C LYS D 130 7.23 28.24 21.43
N ALA D 131 6.62 28.75 20.37
CA ALA D 131 5.17 29.01 20.39
C ALA D 131 4.44 27.67 20.50
N PHE D 132 4.94 26.67 19.79
CA PHE D 132 4.36 25.33 19.84
C PHE D 132 4.48 24.71 21.24
N ILE D 133 5.64 24.85 21.86
CA ILE D 133 5.82 24.42 23.23
C ILE D 133 4.81 25.12 24.13
N HIS D 134 4.70 26.44 23.96
CA HIS D 134 3.79 27.25 24.75
C HIS D 134 2.33 26.80 24.61
N GLU D 135 1.91 26.55 23.36
CA GLU D 135 0.55 26.10 23.10
C GLU D 135 0.25 24.77 23.78
N ILE D 136 1.21 23.85 23.75
CA ILE D 136 1.05 22.57 24.42
C ILE D 136 0.97 22.75 25.93
N MET D 137 1.75 23.66 26.48
CA MET D 137 1.72 23.90 27.92
C MET D 137 0.37 24.45 28.39
N GLU D 138 -0.29 25.24 27.55
CA GLU D 138 -1.62 25.76 27.86
C GLU D 138 -2.71 24.70 27.90
N CYS D 139 -2.43 23.50 27.41
CA CYS D 139 -3.41 22.41 27.51
C CYS D 139 -3.53 21.82 28.91
N GLU D 140 -4.74 21.32 29.21
CA GLU D 140 -5.02 20.59 30.45
C GLU D 140 -4.12 19.36 30.59
N GLY D 141 -3.63 19.14 31.82
CA GLY D 141 -2.74 18.02 32.09
C GLY D 141 -1.29 18.24 31.68
N GLU D 142 -1.02 19.38 31.05
CA GLU D 142 0.34 19.75 30.65
C GLU D 142 0.88 20.87 31.53
N ASP D 143 1.71 20.49 32.50
CA ASP D 143 2.46 21.43 33.35
C ASP D 143 3.86 20.91 33.66
N ASP D 144 4.45 20.20 32.69
CA ASP D 144 5.85 19.75 32.74
C ASP D 144 6.56 20.27 31.49
N ALA D 145 7.29 21.35 31.64
CA ALA D 145 7.97 22.01 30.53
C ALA D 145 9.10 21.18 29.92
N ALA D 146 9.81 20.44 30.77
CA ALA D 146 10.91 19.58 30.33
C ALA D 146 10.42 18.49 29.38
N ALA D 147 9.31 17.86 29.73
CA ALA D 147 8.73 16.81 28.90
C ALA D 147 8.34 17.33 27.53
N VAL D 148 7.72 18.49 27.50
CA VAL D 148 7.25 19.06 26.25
C VAL D 148 8.43 19.59 25.44
N SER D 149 9.39 20.19 26.14
CA SER D 149 10.53 20.78 25.45
C SER D 149 11.43 19.68 24.84
N TRP D 150 11.69 18.61 25.58
CA TRP D 150 12.39 17.47 25.04
C TRP D 150 11.60 16.85 23.90
N GLY D 151 10.30 16.73 24.09
CA GLY D 151 9.41 16.25 23.03
C GLY D 151 9.52 17.06 21.77
N ALA D 152 9.65 18.38 21.90
CA ALA D 152 9.84 19.23 20.74
C ALA D 152 11.17 18.98 20.03
N VAL D 153 12.23 18.81 20.79
CA VAL D 153 13.53 18.49 20.20
C VAL D 153 13.43 17.18 19.43
N PHE D 154 12.84 16.17 20.04
CA PHE D 154 12.74 14.88 19.38
C PHE D 154 11.85 14.97 18.17
N MET D 155 10.79 15.76 18.26
CA MET D 155 9.94 15.98 17.10
C MET D 155 10.73 16.54 15.94
N VAL D 156 11.60 17.50 16.20
CA VAL D 156 12.44 18.07 15.15
C VAL D 156 13.31 17.00 14.52
N SER D 157 13.91 16.14 15.33
CA SER D 157 14.76 15.08 14.80
C SER D 157 13.97 14.18 13.84
N MET D 158 12.71 13.92 14.18
CA MET D 158 11.85 13.09 13.35
C MET D 158 11.47 13.77 12.05
N ILE D 159 11.16 15.06 12.13
CA ILE D 159 10.82 15.84 10.95
C ILE D 159 11.98 15.82 9.96
N LEU D 160 13.18 16.15 10.43
CA LEU D 160 14.32 16.22 9.52
C LEU D 160 14.59 14.90 8.84
N TYR D 161 14.45 13.82 9.61
CA TYR D 161 14.72 12.51 9.08
C TYR D 161 13.65 12.07 8.06
N MET D 162 12.39 12.26 8.40
CA MET D 162 11.31 11.87 7.50
C MET D 162 11.25 12.76 6.24
N LEU D 163 11.77 13.97 6.32
CA LEU D 163 11.87 14.82 5.14
C LEU D 163 12.84 14.27 4.07
N ARG D 164 13.63 13.24 4.41
CA ARG D 164 14.53 12.63 3.43
C ARG D 164 13.77 11.86 2.37
N GLY D 165 12.56 11.39 2.70
CA GLY D 165 11.79 10.57 1.78
C GLY D 165 12.38 9.17 1.50
N VAL D 166 13.10 8.64 2.46
CA VAL D 166 13.67 7.30 2.35
C VAL D 166 12.73 6.30 3.00
N ASP D 167 12.51 5.18 2.34
CA ASP D 167 11.63 4.15 2.86
C ASP D 167 12.36 3.29 3.91
N ARG D 168 12.64 3.88 5.06
CA ARG D 168 13.46 3.20 6.05
C ARG D 168 12.68 2.07 6.67
N ILE D 169 11.40 2.30 6.93
CA ILE D 169 10.53 1.25 7.46
C ILE D 169 10.55 0.03 6.53
N GLY D 170 10.50 0.25 5.24
CA GLY D 170 10.56 -0.84 4.27
C GLY D 170 11.89 -1.57 4.30
N GLU D 171 12.97 -0.83 4.44
CA GLU D 171 14.29 -1.42 4.53
C GLU D 171 14.44 -2.30 5.76
N LEU D 172 13.83 -1.90 6.87
CA LEU D 172 14.00 -2.59 8.14
C LEU D 172 13.03 -3.72 8.35
N THR D 173 12.00 -3.81 7.51
CA THR D 173 10.98 -4.86 7.65
C THR D 173 10.94 -5.77 6.43
N ASP D 174 12.05 -5.83 5.68
CA ASP D 174 12.14 -6.63 4.47
C ASP D 174 10.98 -6.38 3.52
N GLY D 175 10.56 -5.13 3.42
CA GLY D 175 9.48 -4.74 2.51
C GLY D 175 8.07 -5.08 2.97
N HIS D 176 7.93 -5.59 4.19
CA HIS D 176 6.61 -5.97 4.69
C HIS D 176 5.77 -4.75 5.12
N LEU D 177 6.43 -3.67 5.58
CA LEU D 177 5.70 -2.47 5.97
C LEU D 177 6.20 -1.25 5.20
N HIS D 178 5.26 -0.39 4.83
CA HIS D 178 5.57 0.90 4.19
C HIS D 178 4.59 1.96 4.68
N ALA D 179 5.02 3.21 4.66
CA ALA D 179 4.09 4.33 4.78
C ALA D 179 3.01 4.19 3.70
N GLU D 180 1.74 4.34 4.08
CA GLU D 180 0.64 4.37 3.12
C GLU D 180 0.62 5.67 2.32
N SER D 181 0.96 6.77 2.98
CA SER D 181 0.75 8.11 2.45
C SER D 181 1.41 9.11 3.39
N GLU D 182 1.48 10.35 2.94
CA GLU D 182 2.02 11.42 3.75
C GLU D 182 1.20 11.55 5.02
N ASP D 183 -0.10 11.39 4.92
CA ASP D 183 -0.93 11.53 6.11
C ASP D 183 -0.69 10.42 7.12
N ASP D 184 -0.45 9.21 6.63
CA ASP D 184 -0.10 8.08 7.52
C ASP D 184 1.21 8.39 8.27
N ILE D 185 2.17 8.97 7.57
CA ILE D 185 3.42 9.40 8.21
C ILE D 185 3.14 10.46 9.29
N VAL D 186 2.37 11.47 8.95
CA VAL D 186 2.05 12.54 9.90
C VAL D 186 1.33 11.97 11.12
N GLU D 187 0.35 11.11 10.85
CA GLU D 187 -0.41 10.44 11.90
C GLU D 187 0.50 9.67 12.86
N ARG D 188 1.38 8.86 12.31
CA ARG D 188 2.25 8.04 13.13
C ARG D 188 3.25 8.86 13.95
N MET D 189 3.79 9.90 13.34
CA MET D 189 4.68 10.83 14.06
C MET D 189 3.91 11.49 15.20
N THR D 190 2.70 11.96 14.89
CA THR D 190 1.89 12.65 15.89
C THR D 190 1.62 11.76 17.11
N ILE D 191 1.16 10.54 16.86
CA ILE D 191 0.86 9.61 17.94
C ILE D 191 2.12 9.31 18.75
N PHE D 192 3.21 9.08 18.04
CA PHE D 192 4.47 8.73 18.69
C PHE D 192 4.94 9.85 19.61
N ILE D 193 4.89 11.08 19.10
CA ILE D 193 5.36 12.24 19.84
C ILE D 193 4.47 12.52 21.06
N THR D 194 3.17 12.43 20.85
CA THR D 194 2.21 12.67 21.91
C THR D 194 2.38 11.69 23.06
N GLY D 195 2.54 10.42 22.73
CA GLY D 195 2.78 9.38 23.73
C GLY D 195 4.13 9.55 24.42
N GLY D 196 5.16 9.88 23.65
CA GLY D 196 6.47 10.10 24.22
C GLY D 196 6.48 11.24 25.22
N ILE D 197 5.83 12.33 24.88
CA ILE D 197 5.71 13.46 25.79
C ILE D 197 5.02 13.01 27.07
N ASN D 198 3.95 12.25 26.92
CA ASN D 198 3.24 11.69 28.10
C ASN D 198 4.14 10.86 28.98
N SER D 199 4.96 10.02 28.37
CA SER D 199 5.87 9.17 29.13
C SER D 199 6.96 9.95 29.83
N LEU D 200 7.46 11.01 29.20
CA LEU D 200 8.46 11.86 29.86
C LEU D 200 7.85 12.53 31.08
N LYS D 201 6.61 13.00 30.91
CA LYS D 201 5.87 13.62 32.00
C LYS D 201 5.66 12.61 33.13
N GLN D 202 5.06 11.47 32.77
CA GLN D 202 4.73 10.39 33.71
C GLN D 202 5.96 9.88 34.50
N ALA D 203 7.12 9.88 33.86
CA ALA D 203 8.35 9.37 34.48
C ALA D 203 8.95 10.34 35.50
N THR D 204 8.76 11.64 35.29
CA THR D 204 9.25 12.64 36.25
C THR D 204 8.32 12.78 37.44
N GLN D 205 7.08 12.31 37.31
CA GLN D 205 6.13 12.27 38.42
C GLN D 205 6.51 11.21 39.48
N ASP D 206 7.15 10.12 39.04
CA ASP D 206 7.54 9.03 39.93
C ASP D 206 8.84 9.33 40.68
N MET E 1 20.80 -9.61 -8.31
CA MET E 1 21.49 -8.36 -8.77
C MET E 1 20.59 -7.19 -9.16
N GLU E 2 20.85 -6.10 -8.45
CA GLU E 2 20.09 -4.84 -8.51
C GLU E 2 20.84 -3.51 -8.41
N LEU E 3 22.03 -3.47 -7.81
CA LEU E 3 22.65 -2.18 -7.44
C LEU E 3 23.13 -1.41 -8.66
N ILE E 4 23.74 -2.14 -9.61
CA ILE E 4 24.25 -1.53 -10.82
C ILE E 4 23.10 -1.01 -11.65
N LEU E 5 22.05 -1.80 -11.75
CA LEU E 5 20.82 -1.39 -12.45
C LEU E 5 20.25 -0.10 -11.88
N ASN E 6 20.18 -0.02 -10.55
CA ASN E 6 19.61 1.19 -9.91
C ASN E 6 20.42 2.40 -10.26
N GLU E 7 21.75 2.28 -10.17
CA GLU E 7 22.62 3.38 -10.55
C GLU E 7 22.54 3.72 -12.01
N ALA E 8 22.46 2.70 -12.87
CA ALA E 8 22.33 2.92 -14.29
C ALA E 8 21.03 3.68 -14.59
N GLU E 9 19.95 3.24 -13.96
CA GLU E 9 18.64 3.90 -14.05
C GLU E 9 18.73 5.38 -13.74
N LYS E 10 19.39 5.73 -12.63
CA LYS E 10 19.53 7.12 -12.25
C LYS E 10 20.28 7.92 -13.30
N VAL E 11 21.43 7.39 -13.73
CA VAL E 11 22.25 8.10 -14.71
C VAL E 11 21.52 8.27 -16.03
N PHE E 12 20.87 7.21 -16.51
CA PHE E 12 20.07 7.34 -17.75
C PHE E 12 18.95 8.37 -17.58
N ALA E 13 18.28 8.35 -16.44
CA ALA E 13 17.19 9.31 -16.19
C ALA E 13 17.68 10.74 -16.23
N MET E 14 18.89 11.00 -15.75
CA MET E 14 19.45 12.36 -15.71
C MET E 14 20.03 12.82 -17.04
N HIS E 15 20.72 11.92 -17.74
CA HIS E 15 21.52 12.31 -18.91
C HIS E 15 21.04 11.73 -20.23
N GLY E 16 20.06 10.83 -20.20
CA GLY E 16 19.68 10.11 -21.39
C GLY E 16 20.69 9.05 -21.79
N PHE E 17 20.35 8.30 -22.83
CA PHE E 17 21.17 7.17 -23.26
C PHE E 17 22.52 7.65 -23.74
N LEU E 18 22.54 8.63 -24.64
CA LEU E 18 23.77 9.12 -25.22
C LEU E 18 24.70 9.75 -24.19
N GLY E 19 24.16 10.60 -23.33
CA GLY E 19 24.97 11.33 -22.35
C GLY E 19 25.48 10.47 -21.21
N ALA E 20 24.79 9.36 -20.95
CA ALA E 20 25.21 8.44 -19.91
C ALA E 20 26.48 7.71 -20.35
N THR E 21 27.40 7.52 -19.39
CA THR E 21 28.63 6.79 -19.65
C THR E 21 28.71 5.64 -18.67
N LEU E 22 29.25 4.53 -19.13
CA LEU E 22 29.52 3.41 -18.25
C LEU E 22 30.52 3.80 -17.16
N LYS E 23 31.43 4.75 -17.47
CA LYS E 23 32.36 5.31 -16.48
C LYS E 23 31.62 5.77 -15.24
N GLN E 24 30.69 6.70 -15.45
CA GLN E 24 29.93 7.30 -14.40
C GLN E 24 29.17 6.24 -13.61
N ILE E 25 28.53 5.32 -14.33
CA ILE E 25 27.73 4.28 -13.68
C ILE E 25 28.61 3.35 -12.84
N ALA E 26 29.81 3.04 -13.35
CA ALA E 26 30.76 2.24 -12.61
C ALA E 26 31.23 2.96 -11.34
N GLN E 27 31.66 4.22 -11.49
CA GLN E 27 32.03 5.05 -10.35
C GLN E 27 30.94 5.04 -9.30
N ASN E 28 29.72 5.40 -9.69
CA ASN E 28 28.62 5.51 -8.73
C ASN E 28 28.35 4.18 -8.05
N SER E 29 28.57 3.08 -8.77
CA SER E 29 28.30 1.73 -8.25
C SER E 29 29.45 1.13 -7.50
N ASN E 30 30.58 1.83 -7.49
CA ASN E 30 31.80 1.35 -6.85
C ASN E 30 32.33 0.01 -7.44
N VAL E 31 32.25 -0.11 -8.76
CA VAL E 31 32.81 -1.26 -9.46
C VAL E 31 33.51 -0.75 -10.71
N THR E 32 34.14 -1.65 -11.45
CA THR E 32 34.80 -1.29 -12.71
C THR E 32 33.82 -1.34 -13.87
N GLN E 33 34.14 -0.61 -14.92
CA GLN E 33 33.45 -0.75 -16.20
C GLN E 33 33.43 -2.18 -16.72
N ALA E 34 34.55 -2.85 -16.63
CA ALA E 34 34.66 -4.23 -17.07
C ALA E 34 33.61 -5.13 -16.41
N LEU E 35 33.39 -4.96 -15.12
CA LEU E 35 32.39 -5.76 -14.44
C LEU E 35 30.98 -5.47 -14.97
N ILE E 36 30.68 -4.22 -15.24
CA ILE E 36 29.36 -3.88 -15.78
C ILE E 36 29.19 -4.56 -17.14
N THR E 37 30.19 -4.41 -17.98
CA THR E 37 30.24 -5.04 -19.28
C THR E 37 30.08 -6.56 -19.15
N TYR E 38 30.76 -7.17 -18.20
CA TYR E 38 30.64 -8.60 -17.98
C TYR E 38 29.19 -9.02 -17.79
N TYR E 39 28.44 -8.27 -16.97
CA TYR E 39 27.06 -8.63 -16.67
C TYR E 39 26.05 -8.17 -17.70
N TYR E 40 26.27 -7.01 -18.32
CA TYR E 40 25.25 -6.40 -19.16
C TYR E 40 25.60 -6.20 -20.62
N GLY E 41 26.84 -6.50 -20.99
CA GLY E 41 27.24 -6.34 -22.40
C GLY E 41 27.45 -4.88 -22.76
N THR E 42 26.52 -4.30 -23.46
CA THR E 42 26.71 -2.97 -23.99
C THR E 42 25.89 -1.99 -23.19
N LYS E 43 26.19 -0.70 -23.35
CA LYS E 43 25.38 0.34 -22.75
C LYS E 43 23.94 0.18 -23.18
N GLN E 44 23.74 -0.15 -24.46
CA GLN E 44 22.41 -0.36 -24.99
C GLN E 44 21.70 -1.50 -24.27
N ASN E 45 22.38 -2.61 -24.04
CA ASN E 45 21.75 -3.70 -23.34
C ASN E 45 21.48 -3.37 -21.86
N LEU E 46 22.31 -2.54 -21.26
CA LEU E 46 22.11 -2.12 -19.87
C LEU E 46 20.84 -1.28 -19.77
N PHE E 47 20.70 -0.37 -20.74
CA PHE E 47 19.52 0.47 -20.87
C PHE E 47 18.26 -0.39 -21.01
N MET E 48 18.33 -1.42 -21.85
CA MET E 48 17.23 -2.34 -22.03
C MET E 48 16.91 -3.10 -20.77
N GLU E 49 17.93 -3.52 -20.03
CA GLU E 49 17.69 -4.21 -18.76
C GLU E 49 17.00 -3.32 -17.75
N VAL E 50 17.36 -2.05 -17.70
CA VAL E 50 16.67 -1.11 -16.83
C VAL E 50 15.17 -1.04 -17.21
N TYR E 51 14.88 -0.91 -18.50
CA TYR E 51 13.48 -0.91 -18.96
C TYR E 51 12.76 -2.25 -18.78
N ARG E 52 13.45 -3.37 -19.06
CA ARG E 52 12.89 -4.70 -18.78
C ARG E 52 12.45 -4.85 -17.34
N ARG E 53 13.29 -4.43 -16.41
CA ARG E 53 12.95 -4.57 -15.00
C ARG E 53 11.74 -3.70 -14.66
N GLY E 54 11.77 -2.44 -15.07
CA GLY E 54 10.68 -1.51 -14.76
C GLY E 54 9.33 -1.94 -15.35
N LEU E 55 9.34 -2.32 -16.62
CA LEU E 55 8.09 -2.63 -17.32
C LEU E 55 7.57 -4.02 -17.03
N SER E 56 8.41 -4.88 -16.48
CA SER E 56 8.01 -6.22 -16.12
C SER E 56 7.01 -6.15 -14.97
N ASP E 57 7.33 -5.36 -13.94
CA ASP E 57 6.41 -5.15 -12.81
C ASP E 57 5.13 -4.42 -13.23
N ILE E 58 5.28 -3.43 -14.10
CA ILE E 58 4.14 -2.64 -14.55
C ILE E 58 3.16 -3.54 -15.32
N ASP E 59 3.68 -4.33 -16.23
CA ASP E 59 2.86 -5.18 -17.06
C ASP E 59 2.25 -6.32 -16.26
N LYS E 60 2.97 -6.79 -15.26
CA LYS E 60 2.44 -7.81 -14.38
C LYS E 60 1.21 -7.25 -13.66
N LYS E 61 1.30 -6.01 -13.17
CA LYS E 61 0.17 -5.39 -12.51
C LYS E 61 -0.99 -5.13 -13.45
N ARG E 62 -0.70 -4.72 -14.68
CA ARG E 62 -1.75 -4.54 -15.69
C ARG E 62 -2.49 -5.85 -15.92
N GLN E 63 -1.75 -6.94 -15.98
CA GLN E 63 -2.32 -8.26 -16.22
C GLN E 63 -3.18 -8.68 -15.04
N ASN E 64 -2.73 -8.43 -13.82
CA ASN E 64 -3.53 -8.74 -12.63
C ASN E 64 -4.82 -7.95 -12.60
N TYR E 65 -4.76 -6.66 -12.93
CA TYR E 65 -5.95 -5.83 -12.91
C TYR E 65 -6.94 -6.23 -13.99
N LEU E 66 -6.42 -6.63 -15.14
CA LEU E 66 -7.25 -7.09 -16.22
C LEU E 66 -7.92 -8.40 -15.85
N ASP E 67 -7.19 -9.32 -15.21
CA ASP E 67 -7.78 -10.56 -14.71
C ASP E 67 -8.90 -10.28 -13.71
N GLU E 68 -8.68 -9.32 -12.81
CA GLU E 68 -9.69 -8.90 -11.85
C GLU E 68 -10.96 -8.48 -12.60
N LEU E 69 -10.79 -7.59 -13.58
CA LEU E 69 -11.90 -7.14 -14.44
C LEU E 69 -12.72 -8.31 -15.00
N LYS E 70 -12.03 -9.30 -15.54
CA LYS E 70 -12.68 -10.45 -16.16
C LYS E 70 -13.38 -11.38 -15.19
N SER E 71 -13.08 -11.25 -13.90
CA SER E 71 -13.76 -12.02 -12.85
C SER E 71 -14.98 -11.30 -12.25
N ARG E 72 -15.20 -10.06 -12.64
CA ARG E 72 -16.35 -9.30 -12.11
C ARG E 72 -17.66 -9.87 -12.64
N PRO E 73 -18.59 -10.24 -11.75
CA PRO E 73 -19.88 -10.71 -12.22
C PRO E 73 -20.58 -9.72 -13.16
N GLU E 74 -20.48 -8.43 -12.86
CA GLU E 74 -21.16 -7.38 -13.62
C GLU E 74 -20.42 -6.90 -14.87
N GLY E 75 -19.33 -7.57 -15.25
CA GLY E 75 -18.61 -7.25 -16.46
C GLY E 75 -17.78 -5.99 -16.33
N TYR E 76 -17.35 -5.48 -17.47
CA TYR E 76 -16.51 -4.29 -17.52
C TYR E 76 -16.61 -3.62 -18.88
N ASN E 77 -16.01 -2.43 -19.00
CA ASN E 77 -16.13 -1.62 -20.20
C ASN E 77 -14.82 -0.92 -20.55
N THR E 78 -14.86 -0.10 -21.60
CA THR E 78 -13.69 0.64 -22.08
C THR E 78 -13.04 1.46 -20.99
N TYR E 79 -13.85 2.21 -20.25
CA TYR E 79 -13.35 3.00 -19.14
C TYR E 79 -12.48 2.13 -18.22
N ASP E 80 -12.97 0.96 -17.86
CA ASP E 80 -12.24 0.09 -16.93
C ASP E 80 -10.92 -0.38 -17.50
N ILE E 81 -10.89 -0.66 -18.80
CA ILE E 81 -9.71 -1.17 -19.46
C ILE E 81 -8.62 -0.09 -19.45
N VAL E 82 -9.01 1.12 -19.83
CA VAL E 82 -8.10 2.24 -19.89
C VAL E 82 -7.50 2.51 -18.52
N ARG E 83 -8.35 2.59 -17.51
CA ARG E 83 -7.90 2.75 -16.14
C ARG E 83 -6.89 1.70 -15.76
N THR E 84 -7.22 0.45 -16.09
CA THR E 84 -6.34 -0.69 -15.82
C THR E 84 -4.95 -0.49 -16.44
N TYR E 85 -4.91 0.06 -17.65
CA TYR E 85 -3.66 0.25 -18.34
C TYR E 85 -2.86 1.39 -17.71
N LEU E 86 -3.56 2.43 -17.27
CA LEU E 86 -2.92 3.60 -16.71
C LEU E 86 -2.42 3.43 -15.28
N ARG E 87 -3.23 2.83 -14.43
CA ARG E 87 -2.95 2.79 -13.00
C ARG E 87 -1.51 2.44 -12.61
N PRO E 88 -0.95 1.37 -13.18
CA PRO E 88 0.35 0.94 -12.70
C PRO E 88 1.45 1.90 -13.05
N GLN E 89 1.22 2.80 -14.01
CA GLN E 89 2.23 3.82 -14.30
C GLN E 89 2.19 4.95 -13.29
N PHE E 90 1.09 5.13 -12.57
CA PHE E 90 0.95 6.28 -11.67
C PHE E 90 0.78 5.96 -10.19
N GLU E 91 0.39 4.74 -9.85
CA GLU E 91 0.32 4.34 -8.43
C GLU E 91 1.67 3.92 -7.88
N HIS E 92 2.04 4.51 -6.74
CA HIS E 92 3.19 4.07 -5.97
C HIS E 92 2.80 4.30 -4.52
N ARG E 93 3.55 3.69 -3.61
CA ARG E 93 3.45 4.13 -2.22
C ARG E 93 4.52 5.19 -1.84
N GLU E 94 4.32 5.75 -0.66
CA GLU E 94 5.23 6.69 -0.01
C GLU E 94 6.55 6.04 0.40
N ALA E 95 7.58 6.88 0.53
CA ALA E 95 8.93 6.44 0.80
C ALA E 95 9.54 5.89 -0.48
N GLY E 96 10.86 5.96 -0.57
CA GLY E 96 11.60 5.47 -1.73
C GLY E 96 11.39 6.26 -3.01
N GLN E 97 12.39 6.15 -3.90
CA GLN E 97 12.45 6.89 -5.16
C GLN E 97 12.32 5.91 -6.36
N ALA E 98 12.23 4.58 -6.16
CA ALA E 98 12.16 3.63 -7.29
C ALA E 98 11.18 4.05 -8.38
N TRP E 99 9.98 4.46 -7.95
CA TRP E 99 8.95 4.91 -8.86
C TRP E 99 9.45 6.13 -9.64
N MET E 100 9.93 7.13 -8.92
CA MET E 100 10.32 8.42 -9.48
C MET E 100 11.30 8.29 -10.64
N HIS E 101 12.35 7.51 -10.43
CA HIS E 101 13.43 7.42 -11.40
C HIS E 101 12.94 6.79 -12.69
N PHE E 102 12.15 5.72 -12.58
CA PHE E 102 11.67 5.05 -13.77
C PHE E 102 10.58 5.88 -14.48
N ALA E 103 9.82 6.65 -13.72
CA ALA E 103 8.84 7.56 -14.30
C ALA E 103 9.56 8.62 -15.12
N ARG E 104 10.59 9.23 -14.54
CA ARG E 104 11.34 10.26 -15.22
C ARG E 104 12.00 9.68 -16.44
N LEU E 105 12.58 8.50 -16.29
CA LEU E 105 13.26 7.87 -17.42
C LEU E 105 12.30 7.68 -18.60
N GLN E 106 11.13 7.10 -18.34
CA GLN E 106 10.16 6.93 -19.40
C GLN E 106 9.69 8.26 -20.00
N SER E 107 9.56 9.28 -19.17
CA SER E 107 9.13 10.58 -19.67
C SER E 107 10.09 11.20 -20.66
N ARG E 108 11.35 10.76 -20.66
CA ARG E 108 12.35 11.22 -21.62
C ARG E 108 12.46 10.39 -22.87
N LEU E 109 11.64 9.37 -22.99
CA LEU E 109 11.88 8.34 -24.01
C LEU E 109 11.92 8.92 -25.43
N ALA E 110 11.11 9.93 -25.70
CA ALA E 110 11.08 10.53 -27.03
C ALA E 110 12.38 11.15 -27.45
N SER E 111 13.22 11.53 -26.50
CA SER E 111 14.49 12.14 -26.89
C SER E 111 15.62 11.11 -27.05
N GLU E 112 15.32 9.82 -26.88
CA GLU E 112 16.35 8.81 -27.04
C GLU E 112 16.51 8.50 -28.53
N PRO E 113 17.70 8.08 -28.94
CA PRO E 113 17.83 7.79 -30.36
C PRO E 113 16.95 6.59 -30.81
N GLU E 114 16.46 6.66 -32.04
CA GLU E 114 15.63 5.63 -32.66
C GLU E 114 16.34 4.27 -32.66
N GLU E 115 17.66 4.26 -32.74
CA GLU E 115 18.42 3.00 -32.70
C GLU E 115 18.19 2.20 -31.43
N VAL E 116 17.98 2.89 -30.30
CA VAL E 116 17.62 2.18 -29.08
C VAL E 116 16.10 2.17 -28.89
N ALA E 117 15.41 3.24 -29.25
CA ALA E 117 13.98 3.32 -28.93
C ALA E 117 13.15 2.33 -29.73
N VAL E 118 13.51 2.08 -31.00
CA VAL E 118 12.76 1.15 -31.85
C VAL E 118 12.73 -0.25 -31.25
N PRO E 119 13.89 -0.87 -31.02
CA PRO E 119 13.84 -2.22 -30.45
C PRO E 119 13.23 -2.25 -29.07
N LEU E 120 13.46 -1.20 -28.30
CA LEU E 120 12.85 -1.09 -26.97
C LEU E 120 11.30 -1.18 -27.01
N ARG E 121 10.65 -0.34 -27.81
CA ARG E 121 9.20 -0.37 -27.84
C ARG E 121 8.64 -1.64 -28.48
N LYS E 122 9.32 -2.14 -29.52
CA LYS E 122 8.99 -3.42 -30.09
C LYS E 122 8.96 -4.53 -29.05
N GLU E 123 9.99 -4.62 -28.23
CA GLU E 123 10.07 -5.69 -27.24
C GLU E 123 9.18 -5.45 -26.00
N LEU E 124 9.06 -4.21 -25.56
CA LEU E 124 8.51 -3.93 -24.22
C LEU E 124 7.20 -3.16 -24.15
N TYR E 125 6.80 -2.47 -25.21
CA TYR E 125 5.55 -1.72 -25.17
C TYR E 125 4.51 -2.26 -26.12
N ASP E 126 4.92 -2.68 -27.32
CA ASP E 126 3.98 -2.97 -28.40
C ASP E 126 2.99 -4.09 -28.10
N HIS E 127 3.49 -5.21 -27.58
CA HIS E 127 2.64 -6.36 -27.37
C HIS E 127 1.47 -6.01 -26.43
N THR E 128 1.79 -5.37 -25.33
CA THR E 128 0.80 -5.01 -24.33
C THR E 128 -0.16 -3.94 -24.84
N LEU E 129 0.34 -2.99 -25.61
CA LEU E 129 -0.55 -2.02 -26.26
C LEU E 129 -1.49 -2.68 -27.25
N LYS E 130 -0.99 -3.61 -28.06
CA LYS E 130 -1.86 -4.32 -28.99
C LYS E 130 -2.90 -5.12 -28.23
N ALA E 131 -2.51 -5.69 -27.10
CA ALA E 131 -3.44 -6.47 -26.28
C ALA E 131 -4.52 -5.54 -25.73
N PHE E 132 -4.12 -4.35 -25.29
CA PHE E 132 -5.05 -3.34 -24.80
CA PHE E 132 -5.15 -3.47 -24.76
C PHE E 132 -6.06 -2.90 -25.88
N ILE E 133 -5.55 -2.67 -27.08
CA ILE E 133 -6.41 -2.34 -28.21
C ILE E 133 -7.41 -3.48 -28.43
N HIS E 134 -6.90 -4.71 -28.43
CA HIS E 134 -7.72 -5.88 -28.64
C HIS E 134 -8.83 -6.01 -27.58
N GLU E 135 -8.47 -5.80 -26.31
CA GLU E 135 -9.44 -5.89 -25.23
C GLU E 135 -10.55 -4.87 -25.40
N ILE E 136 -10.20 -3.66 -25.81
CA ILE E 136 -11.19 -2.63 -26.05
C ILE E 136 -12.10 -2.98 -27.22
N MET E 137 -11.54 -3.57 -28.27
CA MET E 137 -12.35 -3.99 -29.41
C MET E 137 -13.36 -5.08 -29.05
N GLU E 138 -13.02 -5.95 -28.10
CA GLU E 138 -13.95 -6.98 -27.64
C GLU E 138 -15.16 -6.43 -26.87
N CYS E 139 -15.12 -5.15 -26.48
CA CYS E 139 -16.25 -4.53 -25.78
C CYS E 139 -17.40 -4.21 -26.72
N GLU E 140 -18.61 -4.23 -26.14
CA GLU E 140 -19.86 -3.81 -26.79
C GLU E 140 -19.74 -2.38 -27.30
N GLY E 141 -20.22 -2.14 -28.52
CA GLY E 141 -20.19 -0.81 -29.12
C GLY E 141 -18.85 -0.43 -29.70
N GLU E 142 -17.84 -1.29 -29.54
CA GLU E 142 -16.51 -1.06 -30.10
C GLU E 142 -16.24 -1.99 -31.28
N ASP E 143 -16.38 -1.43 -32.48
CA ASP E 143 -16.02 -2.14 -33.72
C ASP E 143 -15.41 -1.14 -34.74
N ASP E 144 -14.69 -0.15 -34.23
CA ASP E 144 -13.90 0.78 -35.04
C ASP E 144 -12.44 0.76 -34.56
N ALA E 145 -11.60 0.03 -35.29
CA ALA E 145 -10.21 -0.18 -34.92
C ALA E 145 -9.37 1.09 -34.99
N ALA E 146 -9.66 1.94 -35.97
CA ALA E 146 -8.95 3.20 -36.16
C ALA E 146 -9.12 4.11 -34.95
N ALA E 147 -10.34 4.21 -34.46
CA ALA E 147 -10.65 5.05 -33.31
C ALA E 147 -9.88 4.60 -32.10
N VAL E 148 -9.86 3.29 -31.87
CA VAL E 148 -9.23 2.74 -30.68
C VAL E 148 -7.72 2.81 -30.82
N SER E 149 -7.23 2.56 -32.02
CA SER E 149 -5.78 2.55 -32.24
C SER E 149 -5.20 3.94 -32.16
N TRP E 150 -5.88 4.92 -32.75
CA TRP E 150 -5.49 6.34 -32.54
C TRP E 150 -5.60 6.73 -31.08
N GLY E 151 -6.68 6.30 -30.44
CA GLY E 151 -6.85 6.52 -29.00
C GLY E 151 -5.68 5.99 -28.20
N ALA E 152 -5.18 4.82 -28.58
CA ALA E 152 -4.03 4.24 -27.89
C ALA E 152 -2.77 5.08 -28.08
N VAL E 153 -2.55 5.58 -29.27
CA VAL E 153 -1.40 6.44 -29.54
C VAL E 153 -1.50 7.70 -28.68
N PHE E 154 -2.65 8.34 -28.66
CA PHE E 154 -2.82 9.55 -27.88
C PHE E 154 -2.72 9.27 -26.41
N MET E 155 -3.22 8.12 -25.97
CA MET E 155 -3.01 7.71 -24.59
C MET E 155 -1.51 7.65 -24.24
N VAL E 156 -0.71 7.07 -25.11
CA VAL E 156 0.72 6.99 -24.84
C VAL E 156 1.33 8.40 -24.72
N SER E 157 0.94 9.31 -25.59
CA SER E 157 1.45 10.67 -25.52
C SER E 157 1.15 11.30 -24.15
N MET E 158 -0.06 11.03 -23.65
CA MET E 158 -0.49 11.55 -22.35
C MET E 158 0.29 10.93 -21.19
N ILE E 159 0.51 9.62 -21.26
CA ILE E 159 1.28 8.93 -20.24
C ILE E 159 2.69 9.52 -20.15
N LEU E 160 3.38 9.61 -21.27
CA LEU E 160 4.75 10.09 -21.25
C LEU E 160 4.86 11.50 -20.69
N TYR E 161 3.89 12.34 -21.03
CA TYR E 161 3.90 13.71 -20.60
C TYR E 161 3.60 13.79 -19.10
N MET E 162 2.57 13.09 -18.65
CA MET E 162 2.19 13.15 -17.22
C MET E 162 3.24 12.48 -16.33
N LEU E 163 4.03 11.57 -16.88
CA LEU E 163 5.12 10.96 -16.12
C LEU E 163 6.24 11.94 -15.76
N ARG E 164 6.20 13.15 -16.32
CA ARG E 164 7.19 14.18 -15.98
C ARG E 164 6.99 14.73 -14.58
N GLY E 165 5.77 14.64 -14.06
CA GLY E 165 5.48 15.20 -12.74
C GLY E 165 5.50 16.73 -12.67
N VAL E 166 5.24 17.39 -13.78
CA VAL E 166 5.19 18.85 -13.83
C VAL E 166 3.77 19.32 -13.65
N ASP E 167 3.58 20.34 -12.82
CA ASP E 167 2.26 20.85 -12.56
C ASP E 167 1.82 21.80 -13.67
N ARG E 168 1.57 21.24 -14.85
CA ARG E 168 1.28 22.08 -16.00
C ARG E 168 -0.07 22.75 -15.85
N ILE E 169 -1.05 22.02 -15.33
CA ILE E 169 -2.38 22.57 -15.08
C ILE E 169 -2.30 23.77 -14.15
N GLY E 170 -1.47 23.68 -13.12
CA GLY E 170 -1.23 24.81 -12.23
C GLY E 170 -0.60 25.98 -12.94
N GLU E 171 0.36 25.72 -13.82
CA GLU E 171 1.04 26.78 -14.57
C GLU E 171 0.09 27.52 -15.50
N LEU E 172 -0.86 26.81 -16.08
CA LEU E 172 -1.77 27.37 -17.06
C LEU E 172 -3.02 28.00 -16.45
N THR E 173 -3.27 27.75 -15.17
CA THR E 173 -4.46 28.30 -14.51
C THR E 173 -4.09 29.25 -13.37
N ASP E 174 -2.88 29.80 -13.42
CA ASP E 174 -2.39 30.70 -12.38
C ASP E 174 -2.53 30.11 -10.97
N GLY E 175 -2.30 28.81 -10.84
CA GLY E 175 -2.36 28.13 -9.56
C GLY E 175 -3.76 27.83 -9.04
N HIS E 176 -4.78 28.11 -9.85
CA HIS E 176 -6.15 27.85 -9.40
C HIS E 176 -6.54 26.37 -9.45
N LEU E 177 -5.98 25.61 -10.38
CA LEU E 177 -6.27 24.18 -10.48
C LEU E 177 -5.03 23.36 -10.37
N HIS E 178 -5.13 22.24 -9.66
CA HIS E 178 -4.05 21.28 -9.55
C HIS E 178 -4.64 19.88 -9.59
N ALA E 179 -3.83 18.92 -10.00
CA ALA E 179 -4.12 17.53 -9.69
C ALA E 179 -4.28 17.36 -8.18
N GLU E 180 -5.37 16.72 -7.77
CA GLU E 180 -5.59 16.38 -6.37
C GLU E 180 -4.66 15.27 -5.87
N SER E 181 -4.39 14.30 -6.75
CA SER E 181 -3.70 13.06 -6.39
C SER E 181 -3.39 12.28 -7.66
N GLU E 182 -2.60 11.21 -7.53
CA GLU E 182 -2.30 10.36 -8.67
C GLU E 182 -3.60 9.79 -9.20
N ASP E 183 -4.53 9.46 -8.32
CA ASP E 183 -5.76 8.88 -8.79
C ASP E 183 -6.62 9.87 -9.59
N ASP E 184 -6.61 11.13 -9.17
CA ASP E 184 -7.31 12.19 -9.90
C ASP E 184 -6.72 12.31 -11.33
N ILE E 185 -5.40 12.25 -11.44
CA ILE E 185 -4.75 12.26 -12.74
C ILE E 185 -5.19 11.07 -13.57
N VAL E 186 -5.15 9.89 -13.01
CA VAL E 186 -5.55 8.67 -13.72
C VAL E 186 -7.00 8.78 -14.18
N GLU E 187 -7.86 9.21 -13.27
CA GLU E 187 -9.27 9.39 -13.54
C GLU E 187 -9.48 10.33 -14.73
N ARG E 188 -8.82 11.48 -14.71
CA ARG E 188 -9.03 12.49 -15.74
C ARG E 188 -8.49 12.03 -17.08
N MET E 189 -7.35 11.35 -17.09
CA MET E 189 -6.82 10.75 -18.31
C MET E 189 -7.80 9.72 -18.86
N THR E 190 -8.32 8.86 -17.97
CA THR E 190 -9.21 7.78 -18.37
C THR E 190 -10.44 8.36 -19.05
N ILE E 191 -11.08 9.34 -18.42
CA ILE E 191 -12.30 9.93 -18.94
C ILE E 191 -12.02 10.59 -20.27
N PHE E 192 -10.92 11.32 -20.33
CA PHE E 192 -10.55 12.03 -21.53
C PHE E 192 -10.35 11.06 -22.70
N ILE E 193 -9.64 9.98 -22.46
CA ILE E 193 -9.30 9.02 -23.50
C ILE E 193 -10.54 8.28 -23.97
N THR E 194 -11.37 7.88 -23.01
CA THR E 194 -12.59 7.16 -23.30
C THR E 194 -13.54 8.00 -24.17
N GLY E 195 -13.68 9.27 -23.83
CA GLY E 195 -14.50 10.19 -24.62
C GLY E 195 -13.92 10.47 -25.98
N GLY E 196 -12.60 10.65 -26.03
CA GLY E 196 -11.93 10.88 -27.30
C GLY E 196 -12.10 9.72 -28.26
N ILE E 197 -11.93 8.50 -27.76
CA ILE E 197 -12.16 7.32 -28.58
C ILE E 197 -13.58 7.29 -29.10
N ASN E 198 -14.54 7.61 -28.24
CA ASN E 198 -15.94 7.71 -28.67
C ASN E 198 -16.15 8.71 -29.77
N SER E 199 -15.52 9.88 -29.66
CA SER E 199 -15.68 10.90 -30.68
C SER E 199 -15.04 10.51 -32.00
N LEU E 200 -13.91 9.82 -31.96
CA LEU E 200 -13.29 9.35 -33.20
C LEU E 200 -14.20 8.37 -33.88
N LYS E 201 -14.79 7.47 -33.09
CA LYS E 201 -15.74 6.48 -33.60
C LYS E 201 -16.95 7.17 -34.20
N GLN E 202 -17.60 8.02 -33.40
CA GLN E 202 -18.80 8.77 -33.79
C GLN E 202 -18.59 9.60 -35.07
N ALA E 203 -17.39 10.14 -35.26
CA ALA E 203 -17.09 11.00 -36.41
C ALA E 203 -16.93 10.21 -37.71
N THR E 204 -16.42 8.98 -37.62
CA THR E 204 -16.28 8.14 -38.82
C THR E 204 -17.59 7.48 -39.22
N GLN E 205 -18.57 7.47 -38.31
CA GLN E 205 -19.91 6.99 -38.62
C GLN E 205 -20.68 7.95 -39.54
N ASP E 206 -20.39 9.25 -39.40
CA ASP E 206 -21.05 10.30 -40.19
C ASP E 206 -20.47 10.41 -41.61
N GLU F 2 20.84 33.85 -39.49
CA GLU F 2 19.89 32.82 -40.00
C GLU F 2 20.57 31.47 -40.20
N LEU F 3 21.78 31.49 -40.74
CA LEU F 3 22.52 30.26 -41.00
C LEU F 3 22.94 29.58 -39.70
N ILE F 4 23.40 30.39 -38.74
CA ILE F 4 23.85 29.86 -37.46
C ILE F 4 22.68 29.27 -36.69
N LEU F 5 21.56 29.98 -36.71
CA LEU F 5 20.33 29.49 -36.12
C LEU F 5 19.91 28.15 -36.69
N ASN F 6 19.96 28.00 -38.01
CA ASN F 6 19.55 26.73 -38.63
C ASN F 6 20.44 25.59 -38.17
N GLU F 7 21.74 25.83 -38.16
CA GLU F 7 22.66 24.82 -37.67
C GLU F 7 22.47 24.53 -36.19
N ALA F 8 22.21 25.57 -35.40
CA ALA F 8 22.02 25.40 -33.98
C ALA F 8 20.78 24.55 -33.76
N GLU F 9 19.74 24.87 -34.51
CA GLU F 9 18.49 24.10 -34.49
C GLU F 9 18.75 22.62 -34.73
N LYS F 10 19.53 22.30 -35.75
CA LYS F 10 19.83 20.89 -36.06
C LYS F 10 20.56 20.20 -34.91
N VAL F 11 21.59 20.85 -34.40
CA VAL F 11 22.37 20.24 -33.33
C VAL F 11 21.51 20.07 -32.08
N PHE F 12 20.75 21.08 -31.71
CA PHE F 12 19.86 20.95 -30.55
C PHE F 12 18.86 19.83 -30.76
N ALA F 13 18.33 19.74 -31.96
CA ALA F 13 17.35 18.68 -32.28
C ALA F 13 17.95 17.28 -32.11
N MET F 14 19.22 17.11 -32.47
CA MET F 14 19.90 15.81 -32.40
C MET F 14 20.39 15.47 -30.99
N HIS F 15 20.90 16.46 -30.27
CA HIS F 15 21.63 16.18 -29.03
C HIS F 15 20.98 16.76 -27.78
N GLY F 16 19.94 17.55 -27.95
CA GLY F 16 19.38 18.29 -26.83
C GLY F 16 20.24 19.48 -26.42
N PHE F 17 19.74 20.24 -25.44
CA PHE F 17 20.43 21.42 -24.98
C PHE F 17 21.77 21.08 -24.35
N LEU F 18 21.79 20.14 -23.42
CA LEU F 18 23.03 19.76 -22.69
C LEU F 18 24.10 19.18 -23.59
N GLY F 19 23.71 18.24 -24.46
CA GLY F 19 24.66 17.55 -25.34
C GLY F 19 25.17 18.40 -26.47
N ALA F 20 24.43 19.44 -26.84
CA ALA F 20 24.88 20.38 -27.88
C ALA F 20 26.02 21.22 -27.36
N THR F 21 27.00 21.46 -28.24
CA THR F 21 28.13 22.30 -27.92
C THR F 21 28.20 23.41 -28.94
N LEU F 22 28.62 24.59 -28.50
CA LEU F 22 28.88 25.67 -29.41
C LEU F 22 30.00 25.32 -30.40
N LYS F 23 30.95 24.47 -29.97
CA LYS F 23 32.00 23.95 -30.86
C LYS F 23 31.40 23.38 -32.13
N GLN F 24 30.53 22.39 -31.94
CA GLN F 24 29.91 21.67 -33.03
C GLN F 24 29.13 22.65 -33.92
N ILE F 25 28.37 23.54 -33.30
CA ILE F 25 27.54 24.47 -34.06
C ILE F 25 28.41 25.44 -34.89
N ALA F 26 29.51 25.86 -34.29
CA ALA F 26 30.47 26.70 -34.99
C ALA F 26 31.10 25.97 -36.18
N GLN F 27 31.60 24.75 -35.95
CA GLN F 27 32.13 23.90 -37.02
C GLN F 27 31.14 23.78 -38.17
N ASN F 28 29.93 23.32 -37.85
CA ASN F 28 28.92 23.10 -38.87
C ASN F 28 28.55 24.39 -39.62
N SER F 29 28.63 25.53 -38.94
CA SER F 29 28.33 26.82 -39.57
C SER F 29 29.52 27.48 -40.28
N ASN F 30 30.70 26.88 -40.16
CA ASN F 30 31.94 27.44 -40.71
C ASN F 30 32.27 28.85 -40.15
N VAL F 31 32.05 29.02 -38.85
CA VAL F 31 32.45 30.24 -38.15
C VAL F 31 33.09 29.84 -36.84
N THR F 32 33.61 30.82 -36.10
CA THR F 32 34.19 30.57 -34.80
C THR F 32 33.11 30.56 -33.71
N GLN F 33 33.41 29.89 -32.59
CA GLN F 33 32.62 30.02 -31.37
C GLN F 33 32.45 31.48 -30.93
N ALA F 34 33.52 32.25 -30.97
CA ALA F 34 33.49 33.65 -30.58
C ALA F 34 32.40 34.42 -31.34
N LEU F 35 32.26 34.15 -32.64
CA LEU F 35 31.26 34.86 -33.42
C LEU F 35 29.85 34.47 -32.98
N ILE F 36 29.64 33.20 -32.68
CA ILE F 36 28.34 32.79 -32.22
C ILE F 36 28.00 33.48 -30.91
N THR F 37 28.95 33.44 -29.99
CA THR F 37 28.86 34.13 -28.72
C THR F 37 28.58 35.63 -28.93
N TYR F 38 29.28 36.25 -29.86
CA TYR F 38 29.03 37.66 -30.17
C TYR F 38 27.55 37.93 -30.46
N TYR F 39 26.95 37.11 -31.30
CA TYR F 39 25.57 37.34 -31.75
C TYR F 39 24.51 36.83 -30.76
N TYR F 40 24.78 35.74 -30.04
CA TYR F 40 23.74 35.08 -29.26
C TYR F 40 24.00 34.95 -27.77
N GLY F 41 25.19 35.34 -27.32
CA GLY F 41 25.49 35.32 -25.88
C GLY F 41 25.76 33.91 -25.38
N THR F 42 24.80 33.29 -24.77
CA THR F 42 25.01 31.98 -24.17
C THR F 42 24.34 30.91 -25.00
N LYS F 43 24.74 29.68 -24.77
CA LYS F 43 24.07 28.57 -25.41
C LYS F 43 22.58 28.63 -25.11
N GLN F 44 22.23 28.95 -23.86
CA GLN F 44 20.85 29.06 -23.46
C GLN F 44 20.12 30.09 -24.29
N ASN F 45 20.73 31.24 -24.51
CA ASN F 45 20.07 32.26 -25.30
C ASN F 45 19.95 31.85 -26.79
N LEU F 46 20.91 31.09 -27.29
CA LEU F 46 20.88 30.60 -28.65
C LEU F 46 19.70 29.65 -28.82
N PHE F 47 19.52 28.79 -27.83
CA PHE F 47 18.42 27.86 -27.76
C PHE F 47 17.10 28.61 -27.78
N MET F 48 17.00 29.66 -26.98
CA MET F 48 15.80 30.47 -26.92
C MET F 48 15.52 31.16 -28.25
N GLU F 49 16.56 31.63 -28.92
CA GLU F 49 16.38 32.26 -30.22
C GLU F 49 15.85 31.29 -31.26
N VAL F 50 16.31 30.05 -31.21
CA VAL F 50 15.81 29.02 -32.11
C VAL F 50 14.30 28.83 -31.87
N TYR F 51 13.90 28.75 -30.60
CA TYR F 51 12.49 28.64 -30.26
C TYR F 51 11.68 29.90 -30.59
N ARG F 52 12.24 31.08 -30.29
CA ARG F 52 11.57 32.34 -30.63
C ARG F 52 11.25 32.44 -32.10
N ARG F 53 12.21 32.07 -32.94
CA ARG F 53 12.00 32.13 -34.38
C ARG F 53 10.88 31.15 -34.79
N GLY F 54 10.99 29.90 -34.34
CA GLY F 54 10.01 28.90 -34.69
C GLY F 54 8.60 29.22 -34.23
N LEU F 55 8.45 29.61 -32.98
CA LEU F 55 7.11 29.84 -32.40
C LEU F 55 6.48 31.16 -32.79
N SER F 56 7.29 32.08 -33.30
CA SER F 56 6.79 33.38 -33.69
C SER F 56 5.91 33.22 -34.91
N ASP F 57 6.39 32.45 -35.90
CA ASP F 57 5.61 32.17 -37.10
C ASP F 57 4.37 31.32 -36.79
N ILE F 58 4.53 30.36 -35.89
CA ILE F 58 3.43 29.47 -35.53
C ILE F 58 2.32 30.25 -34.86
N ASP F 59 2.66 31.09 -33.90
CA ASP F 59 1.66 31.89 -33.19
C ASP F 59 1.02 32.95 -34.07
N LYS F 60 1.79 33.50 -35.01
CA LYS F 60 1.25 34.44 -35.95
C LYS F 60 0.15 33.76 -36.80
N LYS F 61 0.42 32.54 -37.26
CA LYS F 61 -0.58 31.78 -38.01
C LYS F 61 -1.80 31.40 -37.18
N ARG F 62 -1.57 31.02 -35.93
CA ARG F 62 -2.70 30.78 -35.03
C ARG F 62 -3.60 31.99 -34.92
N GLN F 63 -2.98 33.16 -34.81
CA GLN F 63 -3.73 34.40 -34.63
C GLN F 63 -4.53 34.73 -35.89
N ASN F 64 -3.91 34.52 -37.06
CA ASN F 64 -4.62 34.74 -38.31
C ASN F 64 -5.82 33.82 -38.45
N TYR F 65 -5.65 32.54 -38.12
CA TYR F 65 -6.75 31.58 -38.25
C TYR F 65 -7.87 31.90 -37.27
N LEU F 66 -7.50 32.35 -36.08
CA LEU F 66 -8.48 32.73 -35.07
C LEU F 66 -9.24 33.97 -35.52
N ASP F 67 -8.55 34.93 -36.11
CA ASP F 67 -9.22 36.12 -36.67
C ASP F 67 -10.21 35.73 -37.77
N GLU F 68 -9.81 34.81 -38.63
CA GLU F 68 -10.69 34.28 -39.68
C GLU F 68 -11.97 33.74 -39.04
N LEU F 69 -11.81 32.87 -38.04
CA LEU F 69 -12.94 32.33 -37.29
C LEU F 69 -13.92 33.39 -36.83
N LYS F 70 -13.38 34.45 -36.23
CA LYS F 70 -14.22 35.53 -35.66
C LYS F 70 -14.92 36.37 -36.71
N SER F 71 -14.48 36.28 -37.96
CA SER F 71 -15.14 37.00 -39.06
C SER F 71 -16.22 36.16 -39.75
N ARG F 72 -16.37 34.89 -39.38
CA ARG F 72 -17.38 34.03 -39.99
C ARG F 72 -18.78 34.45 -39.57
N PRO F 73 -19.67 34.73 -40.55
CA PRO F 73 -21.04 35.10 -40.17
C PRO F 73 -21.72 34.06 -39.30
N GLU F 74 -21.49 32.78 -39.59
CA GLU F 74 -22.14 31.68 -38.89
C GLU F 74 -21.47 31.27 -37.56
N GLY F 75 -20.47 32.03 -37.11
CA GLY F 75 -19.80 31.74 -35.85
C GLY F 75 -18.87 30.54 -35.90
N TYR F 76 -18.48 30.05 -34.73
CA TYR F 76 -17.52 28.96 -34.62
C TYR F 76 -17.69 28.25 -33.30
N ASN F 77 -16.97 27.15 -33.12
CA ASN F 77 -17.11 26.33 -31.92
C ASN F 77 -15.77 25.78 -31.45
N THR F 78 -15.82 24.95 -30.41
CA THR F 78 -14.63 24.37 -29.80
C THR F 78 -13.78 23.64 -30.82
N TYR F 79 -14.42 22.79 -31.62
CA TYR F 79 -13.74 22.05 -32.67
C TYR F 79 -12.88 23.01 -33.50
N ASP F 80 -13.47 24.12 -33.93
CA ASP F 80 -12.75 25.08 -34.77
C ASP F 80 -11.54 25.70 -34.08
N ILE F 81 -11.67 25.97 -32.79
CA ILE F 81 -10.61 26.61 -32.02
C ILE F 81 -9.42 25.66 -31.92
N VAL F 82 -9.71 24.41 -31.57
CA VAL F 82 -8.70 23.40 -31.39
C VAL F 82 -7.93 23.21 -32.68
N ARG F 83 -8.67 23.05 -33.77
CA ARG F 83 -8.06 22.90 -35.08
C ARG F 83 -7.14 24.07 -35.37
N THR F 84 -7.62 25.27 -35.10
CA THR F 84 -6.87 26.49 -35.27
C THR F 84 -5.54 26.47 -34.50
N TYR F 85 -5.57 25.93 -33.30
CA TYR F 85 -4.37 25.85 -32.49
C TYR F 85 -3.39 24.81 -33.02
N LEU F 86 -3.91 23.69 -33.50
CA LEU F 86 -3.09 22.57 -33.95
C LEU F 86 -2.47 22.76 -35.32
N ARG F 87 -3.26 23.24 -36.27
CA ARG F 87 -2.82 23.28 -37.67
C ARG F 87 -1.42 23.84 -37.94
N PRO F 88 -1.08 24.99 -37.35
CA PRO F 88 0.23 25.55 -37.67
C PRO F 88 1.43 24.74 -37.15
N GLN F 89 1.22 23.84 -36.21
CA GLN F 89 2.29 22.92 -35.81
C GLN F 89 2.53 21.81 -36.80
N PHE F 90 1.53 21.51 -37.63
CA PHE F 90 1.63 20.37 -38.53
C PHE F 90 1.66 20.70 -40.01
N GLU F 91 1.18 21.86 -40.39
CA GLU F 91 1.28 22.30 -41.78
C GLU F 91 2.65 22.89 -42.01
N HIS F 92 3.36 22.41 -43.02
CA HIS F 92 4.73 22.86 -43.21
C HIS F 92 4.85 24.26 -43.86
N ARG F 93 4.16 24.48 -44.99
CA ARG F 93 4.38 25.67 -45.86
C ARG F 93 5.83 25.72 -46.42
N GLU F 94 6.51 24.57 -46.40
CA GLU F 94 7.91 24.43 -46.81
C GLU F 94 8.32 22.95 -46.76
N GLN F 97 12.31 20.64 -44.90
CA GLN F 97 13.39 20.52 -43.93
C GLN F 97 13.18 21.41 -42.71
N ALA F 98 13.08 22.72 -42.94
CA ALA F 98 12.89 23.68 -41.86
C ALA F 98 11.83 23.18 -40.86
N TRP F 99 10.75 22.65 -41.41
CA TRP F 99 9.68 22.13 -40.59
C TRP F 99 10.20 20.99 -39.70
N MET F 100 10.84 20.01 -40.32
CA MET F 100 11.23 18.77 -39.62
C MET F 100 12.08 19.02 -38.38
N HIS F 101 13.06 19.90 -38.52
CA HIS F 101 14.00 20.12 -37.46
C HIS F 101 13.36 20.79 -36.24
N PHE F 102 12.50 21.78 -36.47
CA PHE F 102 11.83 22.42 -35.36
C PHE F 102 10.79 21.51 -34.73
N ALA F 103 10.18 20.67 -35.55
CA ALA F 103 9.22 19.72 -35.02
C ALA F 103 9.92 18.74 -34.08
N ARG F 104 11.04 18.20 -34.54
CA ARG F 104 11.78 17.26 -33.75
C ARG F 104 12.28 17.92 -32.47
N LEU F 105 12.78 19.14 -32.60
CA LEU F 105 13.26 19.85 -31.45
C LEU F 105 12.18 19.99 -30.39
N GLN F 106 11.00 20.47 -30.77
CA GLN F 106 9.92 20.58 -29.78
C GLN F 106 9.56 19.23 -29.21
N SER F 107 9.60 18.19 -30.02
CA SER F 107 9.21 16.86 -29.55
C SER F 107 10.10 16.34 -28.43
N ARG F 108 11.32 16.88 -28.32
CA ARG F 108 12.24 16.52 -27.24
C ARG F 108 12.13 17.40 -25.99
N LEU F 109 11.21 18.35 -25.98
CA LEU F 109 11.26 19.40 -25.00
C LEU F 109 11.23 18.88 -23.58
N ALA F 110 10.49 17.81 -23.33
CA ALA F 110 10.39 17.22 -21.99
C ALA F 110 11.70 16.72 -21.43
N SER F 111 12.67 16.41 -22.28
CA SER F 111 13.95 15.95 -21.78
C SER F 111 14.96 17.10 -21.57
N GLU F 112 14.57 18.34 -21.81
CA GLU F 112 15.47 19.47 -21.58
C GLU F 112 15.46 19.85 -20.10
N PRO F 113 16.57 20.40 -19.60
CA PRO F 113 16.57 20.74 -18.16
C PRO F 113 15.59 21.85 -17.84
N GLU F 114 15.00 21.76 -16.66
CA GLU F 114 14.00 22.70 -16.21
C GLU F 114 14.54 24.15 -16.20
N GLU F 115 15.84 24.29 -15.98
CA GLU F 115 16.46 25.61 -15.99
C GLU F 115 16.25 26.33 -17.31
N VAL F 116 16.22 25.59 -18.42
CA VAL F 116 15.91 26.22 -19.71
C VAL F 116 14.44 26.07 -20.03
N ALA F 117 13.82 24.96 -19.68
CA ALA F 117 12.43 24.71 -20.11
C ALA F 117 11.43 25.64 -19.42
N VAL F 118 11.66 25.95 -18.14
CA VAL F 118 10.74 26.83 -17.38
C VAL F 118 10.61 28.23 -18.01
N PRO F 119 11.73 28.97 -18.14
CA PRO F 119 11.59 30.28 -18.78
C PRO F 119 11.10 30.19 -20.23
N LEU F 120 11.50 29.15 -20.93
CA LEU F 120 11.07 28.95 -22.32
C LEU F 120 9.53 28.90 -22.41
N ARG F 121 8.90 28.03 -21.64
CA ARG F 121 7.45 27.90 -21.76
C ARG F 121 6.72 29.11 -21.23
N LYS F 122 7.24 29.70 -20.17
CA LYS F 122 6.70 30.98 -19.67
C LYS F 122 6.65 32.05 -20.75
N GLU F 123 7.76 32.23 -21.47
CA GLU F 123 7.87 33.28 -22.47
C GLU F 123 7.14 32.93 -23.77
N LEU F 124 7.17 31.66 -24.18
CA LEU F 124 6.79 31.28 -25.56
C LEU F 124 5.55 30.38 -25.74
N TYR F 125 5.11 29.68 -24.70
CA TYR F 125 3.93 28.80 -24.83
C TYR F 125 2.74 29.21 -23.97
N ASP F 126 2.99 29.70 -22.75
CA ASP F 126 1.92 29.89 -21.77
C ASP F 126 0.84 30.89 -22.17
N HIS F 127 1.26 32.04 -22.67
CA HIS F 127 0.29 33.10 -22.99
C HIS F 127 -0.73 32.61 -24.03
N THR F 128 -0.22 31.99 -25.08
CA THR F 128 -1.07 31.52 -26.17
C THR F 128 -1.97 30.37 -25.72
N LEU F 129 -1.46 29.50 -24.86
CA LEU F 129 -2.29 28.44 -24.31
C LEU F 129 -3.39 28.97 -23.43
N LYS F 130 -3.07 29.94 -22.59
CA LYS F 130 -4.12 30.56 -21.77
C LYS F 130 -5.17 31.25 -22.67
N ALA F 131 -4.71 31.87 -23.75
CA ALA F 131 -5.63 32.55 -24.66
C ALA F 131 -6.55 31.53 -25.32
N PHE F 132 -6.00 30.39 -25.67
CA PHE F 132 -6.77 29.28 -26.25
CA PHE F 132 -6.88 29.42 -26.28
C PHE F 132 -7.84 28.76 -25.28
N ILE F 133 -7.43 28.56 -24.02
CA ILE F 133 -8.37 28.14 -22.99
C ILE F 133 -9.49 29.17 -22.92
N HIS F 134 -9.10 30.44 -22.88
CA HIS F 134 -10.05 31.52 -22.76
C HIS F 134 -11.05 31.52 -23.92
N GLU F 135 -10.55 31.34 -25.14
CA GLU F 135 -11.40 31.33 -26.32
C GLU F 135 -12.42 30.22 -26.25
N ILE F 136 -11.98 29.05 -25.79
CA ILE F 136 -12.90 27.92 -25.66
C ILE F 136 -13.96 28.18 -24.60
N MET F 137 -13.58 28.85 -23.51
CA MET F 137 -14.53 29.17 -22.46
C MET F 137 -15.60 30.13 -22.93
N GLU F 138 -15.26 31.03 -23.84
CA GLU F 138 -16.24 31.96 -24.40
C GLU F 138 -17.29 31.27 -25.29
N CYS F 139 -17.09 30.02 -25.67
CA CYS F 139 -18.08 29.30 -26.46
C CYS F 139 -19.29 28.86 -25.64
N GLU F 140 -20.44 28.77 -26.32
CA GLU F 140 -21.67 28.22 -25.75
C GLU F 140 -21.49 26.78 -25.28
N GLY F 141 -22.06 26.47 -24.13
CA GLY F 141 -21.95 25.14 -23.53
C GLY F 141 -20.63 24.89 -22.81
N GLU F 142 -19.70 25.86 -22.87
CA GLU F 142 -18.42 25.78 -22.18
C GLU F 142 -18.40 26.73 -20.98
N ASP F 143 -18.62 26.18 -19.80
CA ASP F 143 -18.46 26.89 -18.53
C ASP F 143 -17.87 25.96 -17.44
N ASP F 144 -16.99 25.06 -17.87
CA ASP F 144 -16.19 24.22 -16.98
C ASP F 144 -14.70 24.42 -17.31
N ALA F 145 -14.03 25.25 -16.52
CA ALA F 145 -12.63 25.60 -16.73
C ALA F 145 -11.68 24.44 -16.55
N ALA F 146 -11.99 23.56 -15.59
CA ALA F 146 -11.17 22.38 -15.31
C ALA F 146 -11.11 21.46 -16.52
N ALA F 147 -12.26 21.21 -17.13
CA ALA F 147 -12.34 20.33 -18.29
C ALA F 147 -11.50 20.85 -19.43
N VAL F 148 -11.60 22.15 -19.67
CA VAL F 148 -10.89 22.77 -20.78
C VAL F 148 -9.41 22.87 -20.47
N SER F 149 -9.08 23.17 -19.22
CA SER F 149 -7.68 23.35 -18.85
C SER F 149 -6.95 22.01 -18.87
N TRP F 150 -7.58 20.97 -18.35
CA TRP F 150 -7.02 19.62 -18.47
C TRP F 150 -6.92 19.20 -19.93
N GLY F 151 -7.97 19.49 -20.69
CA GLY F 151 -7.94 19.25 -22.11
C GLY F 151 -6.73 19.89 -22.78
N ALA F 152 -6.41 21.11 -22.37
CA ALA F 152 -5.28 21.81 -22.96
C ALA F 152 -3.97 21.10 -22.64
N VAL F 153 -3.83 20.63 -21.40
CA VAL F 153 -2.62 19.93 -20.99
C VAL F 153 -2.49 18.65 -21.82
N PHE F 154 -3.57 17.89 -21.93
CA PHE F 154 -3.53 16.67 -22.74
C PHE F 154 -3.29 16.97 -24.22
N MET F 155 -3.87 18.05 -24.71
CA MET F 155 -3.56 18.48 -26.08
C MET F 155 -2.05 18.69 -26.26
N VAL F 156 -1.40 19.35 -25.31
CA VAL F 156 0.02 19.59 -25.43
C VAL F 156 0.77 18.25 -25.49
N SER F 157 0.38 17.28 -24.65
CA SER F 157 1.04 16.00 -24.66
C SER F 157 0.95 15.34 -26.03
N MET F 158 -0.21 15.48 -26.68
CA MET F 158 -0.44 14.92 -28.01
C MET F 158 0.37 15.63 -29.07
N ILE F 159 0.46 16.96 -28.98
CA ILE F 159 1.27 17.73 -29.90
C ILE F 159 2.71 17.30 -29.85
N LEU F 160 3.27 17.27 -28.66
CA LEU F 160 4.68 16.92 -28.53
C LEU F 160 4.99 15.54 -29.05
N TYR F 161 4.11 14.60 -28.79
CA TYR F 161 4.29 13.23 -29.24
C TYR F 161 4.17 13.12 -30.76
N MET F 162 3.14 13.74 -31.33
CA MET F 162 2.93 13.65 -32.78
C MET F 162 3.99 14.41 -33.55
N LEU F 163 4.60 15.39 -32.91
CA LEU F 163 5.71 16.10 -33.54
C LEU F 163 6.95 15.24 -33.74
N ARG F 164 6.99 14.03 -33.18
CA ARG F 164 8.12 13.13 -33.44
C ARG F 164 8.14 12.68 -34.89
N GLY F 165 6.99 12.65 -35.55
CA GLY F 165 6.91 12.16 -36.94
C GLY F 165 7.14 10.65 -37.04
N VAL F 166 6.81 9.93 -35.97
CA VAL F 166 6.88 8.48 -35.97
C VAL F 166 5.52 7.89 -36.34
N ASP F 167 5.54 6.91 -37.22
CA ASP F 167 4.32 6.21 -37.63
C ASP F 167 3.90 5.16 -36.56
N ARG F 168 3.47 5.65 -35.40
CA ARG F 168 3.17 4.76 -34.29
C ARG F 168 1.94 3.91 -34.61
N ILE F 169 0.93 4.53 -35.21
CA ILE F 169 -0.28 3.82 -35.59
C ILE F 169 0.08 2.65 -36.53
N GLY F 170 0.98 2.88 -37.48
CA GLY F 170 1.44 1.81 -38.38
C GLY F 170 2.15 0.71 -37.65
N GLU F 171 2.95 1.07 -36.67
CA GLU F 171 3.69 0.11 -35.87
C GLU F 171 2.78 -0.79 -35.07
N LEU F 172 1.69 -0.22 -34.58
CA LEU F 172 0.78 -0.94 -33.71
C LEU F 172 -0.29 -1.74 -34.46
N THR F 173 -0.46 -1.49 -35.76
CA THR F 173 -1.53 -2.13 -36.53
C THR F 173 -0.96 -2.98 -37.67
N ASP F 174 0.29 -3.40 -37.53
CA ASP F 174 0.97 -4.19 -38.55
C ASP F 174 0.87 -3.53 -39.93
N GLY F 175 0.95 -2.21 -39.97
CA GLY F 175 0.94 -1.48 -41.22
C GLY F 175 -0.43 -1.34 -41.87
N HIS F 176 -1.49 -1.77 -41.19
CA HIS F 176 -2.84 -1.68 -41.75
C HIS F 176 -3.41 -0.27 -41.69
N LEU F 177 -3.02 0.51 -40.69
CA LEU F 177 -3.50 1.89 -40.59
C LEU F 177 -2.34 2.86 -40.55
N HIS F 178 -2.51 3.97 -41.25
CA HIS F 178 -1.55 5.05 -41.24
C HIS F 178 -2.26 6.37 -41.25
N ALA F 179 -1.59 7.39 -40.74
CA ALA F 179 -1.97 8.76 -41.04
C ALA F 179 -1.95 8.97 -42.55
N GLU F 180 -3.04 9.49 -43.06
CA GLU F 180 -3.15 9.78 -44.47
C GLU F 180 -2.27 10.99 -44.85
N SER F 181 -2.19 11.94 -43.93
CA SER F 181 -1.63 13.26 -44.20
C SER F 181 -1.56 14.02 -42.91
N GLU F 182 -0.88 15.16 -42.94
CA GLU F 182 -0.81 16.03 -41.78
C GLU F 182 -2.21 16.48 -41.41
N ASP F 183 -3.07 16.75 -42.39
CA ASP F 183 -4.42 17.16 -42.04
C ASP F 183 -5.23 16.07 -41.35
N ASP F 184 -5.04 14.82 -41.76
CA ASP F 184 -5.71 13.69 -41.12
C ASP F 184 -5.28 13.63 -39.64
N ILE F 185 -4.00 13.82 -39.39
CA ILE F 185 -3.49 13.85 -38.02
C ILE F 185 -4.14 14.97 -37.22
N VAL F 186 -4.18 16.17 -37.80
CA VAL F 186 -4.81 17.32 -37.15
C VAL F 186 -6.27 17.05 -36.85
N GLU F 187 -6.97 16.51 -37.85
CA GLU F 187 -8.38 16.18 -37.71
C GLU F 187 -8.61 15.22 -36.56
N ARG F 188 -7.84 14.15 -36.51
CA ARG F 188 -8.04 13.14 -35.49
C ARG F 188 -7.72 13.64 -34.10
N MET F 189 -6.67 14.44 -33.99
CA MET F 189 -6.34 15.08 -32.72
C MET F 189 -7.49 16.01 -32.28
N THR F 190 -7.98 16.80 -33.23
CA THR F 190 -9.02 17.76 -32.94
C THR F 190 -10.27 17.08 -32.40
N ILE F 191 -10.71 16.03 -33.10
CA ILE F 191 -11.91 15.29 -32.68
C ILE F 191 -11.69 14.67 -31.32
N PHE F 192 -10.52 14.08 -31.13
CA PHE F 192 -10.22 13.38 -29.88
C PHE F 192 -10.24 14.36 -28.71
N ILE F 193 -9.61 15.51 -28.90
CA ILE F 193 -9.50 16.52 -27.83
C ILE F 193 -10.86 17.12 -27.50
N THR F 194 -11.63 17.43 -28.54
CA THR F 194 -12.94 18.00 -28.38
C THR F 194 -13.85 17.06 -27.60
N GLY F 195 -13.83 15.78 -27.94
CA GLY F 195 -14.63 14.78 -27.26
C GLY F 195 -14.18 14.55 -25.83
N GLY F 196 -12.87 14.52 -25.63
CA GLY F 196 -12.31 14.37 -24.30
C GLY F 196 -12.71 15.51 -23.39
N ILE F 197 -12.63 16.74 -23.89
CA ILE F 197 -13.07 17.88 -23.11
C ILE F 197 -14.53 17.74 -22.73
N ASN F 198 -15.37 17.33 -23.69
CA ASN F 198 -16.78 17.09 -23.40
C ASN F 198 -17.00 16.07 -22.31
N SER F 199 -16.24 14.98 -22.33
CA SER F 199 -16.39 13.94 -21.33
C SER F 199 -15.91 14.39 -19.96
N LEU F 200 -14.87 15.22 -19.90
CA LEU F 200 -14.45 15.77 -18.62
C LEU F 200 -15.54 16.65 -18.04
N LYS F 201 -16.15 17.46 -18.91
CA LYS F 201 -17.24 18.36 -18.52
C LYS F 201 -18.43 17.53 -18.02
N GLN F 202 -18.87 16.60 -18.87
CA GLN F 202 -20.00 15.71 -18.58
C GLN F 202 -19.84 14.92 -17.27
N ALA F 203 -18.60 14.54 -16.95
CA ALA F 203 -18.32 13.74 -15.75
C ALA F 203 -18.37 14.56 -14.46
N THR F 204 -18.06 15.86 -14.53
CA THR F 204 -18.20 16.77 -13.37
C THR F 204 -19.62 17.35 -13.28
O3 6HY G . -30.11 -25.60 15.60
C8 6HY G . -29.59 -25.45 16.68
O2 6HY G . -28.80 -24.57 16.97
C3 6HY G . -30.08 -26.39 17.74
C 6HY G . -28.94 -27.03 18.48
C1 6HY G . -28.71 -26.38 19.82
O 6HY G . -29.28 -25.35 20.10
C2 6HY G . -27.86 -27.00 20.71
C5 6HY G . -27.23 -28.20 20.42
C6 6HY G . -26.41 -28.80 21.33
C7 6HY G . -26.23 -28.18 22.54
O1 6HY G . -25.52 -28.65 23.39
N 6HY G . -26.85 -27.01 22.79
C4 6HY G . -27.62 -26.45 21.93
O3 6HY H . -16.27 -31.71 7.01
C8 6HY H . -15.72 -30.65 6.90
O2 6HY H . -15.15 -30.06 7.81
C3 6HY H . -15.64 -30.11 5.51
C 6HY H . -16.06 -28.67 5.45
C1 6HY H . -14.88 -27.74 5.38
O 6HY H . -13.77 -28.17 5.54
C2 6HY H . -15.11 -26.42 5.07
C5 6HY H . -16.38 -25.91 4.83
C6 6HY H . -16.58 -24.59 4.52
C7 6HY H . -15.47 -23.79 4.45
O1 6HY H . -15.56 -22.63 4.19
N 6HY H . -14.25 -24.31 4.70
C4 6HY H . -14.07 -25.55 4.99
O3 6HY I . 20.04 6.52 7.33
C8 6HY I . 19.92 5.92 8.37
O2 6HY I . 18.89 5.83 9.01
C3 6HY I . 21.12 5.15 8.80
C 6HY I . 21.46 5.41 10.23
C1 6HY I . 20.99 4.29 11.13
O 6HY I . 20.30 3.42 10.69
C2 6HY I . 21.46 4.27 12.43
C5 6HY I . 22.32 5.23 12.94
C6 6HY I . 22.75 5.18 14.23
C7 6HY I . 22.32 4.13 15.01
O1 6HY I . 22.66 4.02 16.15
N 6HY I . 21.48 3.22 14.49
C4 6HY I . 21.06 3.27 13.27
O3 6HY J . 18.82 22.42 14.20
C8 6HY J . 17.63 22.45 14.35
O2 6HY J . 17.01 21.90 15.24
C3 6HY J . 16.90 23.36 13.40
C 6HY J . 15.72 22.68 12.79
C1 6HY J . 14.43 23.08 13.45
O 6HY J . 14.45 23.73 14.46
C2 6HY J . 13.23 22.73 12.83
C5 6HY J . 13.20 22.02 11.64
C6 6HY J . 12.01 21.69 11.06
C7 6HY J . 10.86 22.10 11.68
O1 6HY J . 9.78 21.84 11.23
N 6HY J . 10.93 22.78 12.84
C4 6HY J . 12.05 23.08 13.39
O3 6HY K . 7.37 5.78 -28.44
C8 6HY K . 6.45 5.25 -27.85
O2 6HY K . 5.27 5.43 -28.10
C3 6HY K . 6.85 4.23 -26.84
C 6HY K . 6.14 4.44 -25.54
C1 6HY K . 4.99 3.49 -25.37
O 6HY K . 4.63 2.81 -26.28
C2 6HY K . 4.41 3.40 -24.11
C5 6HY K . 4.84 4.14 -23.04
C6 6HY K . 4.23 4.02 -21.81
C7 6HY K . 3.21 3.13 -21.70
O1 6HY K . 2.63 2.98 -20.66
N 6HY K . 2.79 2.43 -22.77
C4 6HY K . 3.36 2.55 -23.93
O3 6HY L . 6.30 21.55 -21.12
C8 6HY L . 5.39 21.94 -21.80
O2 6HY L . 4.22 21.62 -21.68
C3 6HY L . 5.75 23.01 -22.78
C 6HY L . 5.22 22.71 -24.15
C1 6HY L . 3.97 23.50 -24.45
O 6HY L . 3.43 24.13 -23.59
C2 6HY L . 3.50 23.52 -25.75
C5 6HY L . 4.14 22.84 -26.78
C6 6HY L . 3.66 22.88 -28.06
C7 6HY L . 2.54 23.62 -28.30
O1 6HY L . 2.06 23.70 -29.39
N 6HY L . 1.93 24.26 -27.28
C4 6HY L . 2.39 24.22 -26.07
#